data_7FSN
#
_entry.id   7FSN
#
_cell.length_a   80.184
_cell.length_b   49.512
_cell.length_c   115.712
_cell.angle_alpha   90.000
_cell.angle_beta   94.870
_cell.angle_gamma   90.000
#
_symmetry.space_group_name_H-M   'P 1 21 1'
#
loop_
_entity.id
_entity.type
_entity.pdbx_description
1 polymer Syntenin-1
2 non-polymer N,N-dimethyl-2-(1H-pyrazol-1-yl)acetamide
3 non-polymer 1,2-ETHANEDIOL
4 non-polymer 'D-GLUTAMIC ACID'
5 non-polymer GLYCINE
6 non-polymer 'SULFATE ION'
7 non-polymer ALANINE
8 water water
#
_entity_poly.entity_id   1
_entity_poly.type   'polypeptide(L)'
_entity_poly.pdbx_seq_one_letter_code
;SMAEIKQGIREVILCKDQDGKIGLRLKSIDNGIFVQLVQANSPASLVGLRFGDQVLQINGENCAGWSSDKAHKVLKQAFG
EKITMTIRDRPFERTITMHKDSTGHVGFIFKNGKITSIVKDSSAARNGLLTEHNICEINGQNVIGLKDSQIADILSTSGT
VVTITIMPAFIFEHIIKRMAPSIMKSLMDHTIPEV
;
_entity_poly.pdbx_strand_id   A,B,C,D
#
loop_
_chem_comp.id
_chem_comp.type
_chem_comp.name
_chem_comp.formula
EDO non-polymer 1,2-ETHANEDIOL 'C2 H6 O2'
SO4 non-polymer 'SULFATE ION' 'O4 S -2'
YDG non-polymer N,N-dimethyl-2-(1H-pyrazol-1-yl)acetamide 'C7 H11 N3 O'
#
# COMPACT_ATOMS: atom_id res chain seq x y z
N ILE A 5 10.38 -25.37 4.92
CA ILE A 5 9.05 -24.71 4.70
C ILE A 5 7.96 -25.60 5.28
N LYS A 6 7.42 -25.17 6.42
CA LYS A 6 6.50 -25.96 7.24
C LYS A 6 5.08 -25.45 7.02
N GLN A 7 4.13 -26.39 6.86
CA GLN A 7 2.75 -26.05 6.56
C GLN A 7 2.00 -25.84 7.87
N GLY A 8 2.38 -24.76 8.57
CA GLY A 8 2.00 -24.59 9.95
C GLY A 8 2.25 -23.17 10.44
N ILE A 9 1.57 -22.88 11.54
CA ILE A 9 1.49 -21.57 12.12
C ILE A 9 1.93 -21.73 13.57
N ARG A 10 3.24 -21.61 13.84
CA ARG A 10 3.79 -21.88 15.17
C ARG A 10 3.70 -20.59 15.99
N GLU A 11 3.93 -20.72 17.31
CA GLU A 11 3.93 -19.57 18.20
C GLU A 11 5.30 -19.46 18.86
N VAL A 12 5.76 -18.22 19.04
CA VAL A 12 7.04 -17.98 19.67
C VAL A 12 6.89 -16.89 20.73
N ILE A 13 7.62 -17.08 21.83
CA ILE A 13 7.63 -16.09 22.90
C ILE A 13 8.97 -15.37 22.86
N LEU A 14 8.92 -14.07 22.61
CA LEU A 14 10.13 -13.26 22.55
C LEU A 14 10.36 -12.63 23.91
N CYS A 15 11.52 -11.97 24.04
CA CYS A 15 11.88 -11.28 25.27
C CYS A 15 12.98 -10.25 24.96
N LYS A 16 12.67 -8.95 25.14
CA LYS A 16 13.61 -7.90 24.78
C LYS A 16 14.94 -8.15 25.48
N ASP A 17 16.04 -7.82 24.81
CA ASP A 17 17.35 -7.89 25.42
C ASP A 17 17.46 -6.69 26.36
N GLN A 18 18.67 -6.47 26.87
CA GLN A 18 18.92 -5.48 27.90
C GLN A 18 18.78 -4.07 27.36
N ASP A 19 18.74 -3.91 26.03
CA ASP A 19 18.73 -2.62 25.39
C ASP A 19 17.36 -2.33 24.76
N GLY A 20 16.39 -3.23 24.98
CA GLY A 20 15.05 -3.07 24.42
C GLY A 20 14.98 -3.50 22.97
N LYS A 21 15.94 -4.36 22.60
CA LYS A 21 16.08 -4.83 21.23
C LYS A 21 15.67 -6.29 21.16
N ILE A 22 15.00 -6.66 20.06
CA ILE A 22 14.64 -8.06 19.84
C ILE A 22 15.38 -8.54 18.59
N GLY A 23 15.87 -7.59 17.78
CA GLY A 23 16.80 -7.89 16.72
C GLY A 23 16.11 -8.25 15.40
N LEU A 24 15.12 -7.44 15.02
CA LEU A 24 14.21 -7.76 13.95
C LEU A 24 13.87 -6.50 13.15
N ARG A 25 13.80 -6.64 11.84
CA ARG A 25 13.13 -5.68 10.99
C ARG A 25 12.09 -6.41 10.17
N LEU A 26 10.92 -5.77 10.04
CA LEU A 26 9.74 -6.32 9.40
C LEU A 26 9.44 -5.47 8.16
N LYS A 27 8.94 -6.10 7.08
CA LYS A 27 8.54 -5.42 5.85
C LYS A 27 7.12 -5.84 5.46
N SER A 28 6.28 -4.86 5.09
CA SER A 28 4.94 -5.10 4.57
C SER A 28 5.05 -5.60 3.13
N ILE A 29 4.47 -6.79 2.89
CA ILE A 29 4.32 -7.33 1.55
C ILE A 29 2.87 -7.78 1.40
N ASP A 30 2.22 -7.40 0.29
CA ASP A 30 0.90 -7.89 -0.08
C ASP A 30 0.03 -8.00 1.16
N ASN A 31 0.01 -6.96 2.00
CA ASN A 31 -0.94 -6.80 3.11
C ASN A 31 -0.72 -7.79 4.25
N GLY A 32 0.42 -8.48 4.24
CA GLY A 32 0.91 -9.13 5.44
C GLY A 32 2.17 -8.45 5.92
N ILE A 33 2.79 -9.03 6.95
CA ILE A 33 4.08 -8.56 7.42
C ILE A 33 5.06 -9.72 7.45
N PHE A 34 6.30 -9.44 7.03
CA PHE A 34 7.31 -10.47 6.79
C PHE A 34 8.67 -10.03 7.33
N VAL A 35 9.48 -11.02 7.76
CA VAL A 35 10.81 -10.74 8.30
C VAL A 35 11.77 -10.34 7.18
N GLN A 36 12.30 -9.12 7.29
CA GLN A 36 13.23 -8.57 6.32
C GLN A 36 14.65 -8.88 6.78
N LEU A 37 14.87 -8.93 8.09
CA LEU A 37 16.20 -9.18 8.60
C LEU A 37 16.17 -9.62 10.05
N VAL A 38 17.12 -10.49 10.41
CA VAL A 38 17.22 -10.98 11.78
C VAL A 38 18.65 -10.79 12.23
N GLN A 39 18.81 -10.08 13.35
CA GLN A 39 20.11 -9.74 13.91
C GLN A 39 20.68 -10.98 14.58
N ALA A 40 21.98 -11.22 14.42
CA ALA A 40 22.62 -12.31 15.14
C ALA A 40 22.55 -12.00 16.62
N ASN A 41 22.66 -13.03 17.46
CA ASN A 41 22.75 -12.84 18.89
C ASN A 41 21.60 -11.98 19.41
N SER A 42 20.40 -12.25 18.92
CA SER A 42 19.23 -11.49 19.30
C SER A 42 18.18 -12.45 19.84
N PRO A 43 17.18 -11.95 20.60
CA PRO A 43 16.04 -12.79 20.97
C PRO A 43 15.41 -13.45 19.74
N ALA A 44 15.28 -12.69 18.65
CA ALA A 44 14.66 -13.21 17.44
C ALA A 44 15.45 -14.40 16.89
N SER A 45 16.78 -14.30 16.90
CA SER A 45 17.63 -15.37 16.41
C SER A 45 17.55 -16.62 17.29
N LEU A 46 17.38 -16.43 18.61
CA LEU A 46 17.34 -17.54 19.54
C LEU A 46 15.99 -18.25 19.47
N VAL A 47 14.92 -17.49 19.26
CA VAL A 47 13.62 -18.12 19.22
C VAL A 47 13.45 -18.76 17.85
N GLY A 48 14.33 -18.38 16.91
CA GLY A 48 14.40 -19.08 15.64
C GLY A 48 13.53 -18.47 14.55
N LEU A 49 13.28 -17.16 14.63
CA LEU A 49 12.78 -16.38 13.51
C LEU A 49 13.76 -16.40 12.36
N ARG A 50 13.21 -16.48 11.16
CA ARG A 50 13.98 -16.61 9.94
C ARG A 50 13.53 -15.51 8.98
N PHE A 51 14.48 -14.98 8.23
CA PHE A 51 14.13 -14.17 7.08
C PHE A 51 13.04 -14.88 6.27
N GLY A 52 12.03 -14.14 5.82
CA GLY A 52 10.98 -14.73 5.01
C GLY A 52 9.75 -15.10 5.83
N ASP A 53 9.92 -15.29 7.15
CA ASP A 53 8.82 -15.66 8.01
C ASP A 53 7.71 -14.60 7.93
N GLN A 54 6.46 -15.05 7.95
CA GLN A 54 5.33 -14.16 8.11
C GLN A 54 4.90 -14.05 9.57
N VAL A 55 4.79 -12.81 10.07
CA VAL A 55 4.21 -12.51 11.37
C VAL A 55 2.70 -12.33 11.18
N LEU A 56 1.91 -13.35 11.57
CA LEU A 56 0.45 -13.28 11.50
C LEU A 56 -0.13 -12.44 12.62
N GLN A 57 0.35 -12.64 13.86
CA GLN A 57 -0.05 -11.82 14.98
C GLN A 57 1.16 -11.40 15.81
N ILE A 58 0.94 -10.32 16.58
CA ILE A 58 1.82 -9.85 17.63
C ILE A 58 0.96 -9.55 18.85
N ASN A 59 1.16 -10.31 19.94
CA ASN A 59 0.39 -10.17 21.15
C ASN A 59 -1.10 -10.29 20.83
N GLY A 60 -1.43 -11.21 19.91
CA GLY A 60 -2.81 -11.49 19.56
C GLY A 60 -3.45 -10.40 18.71
N GLU A 61 -2.68 -9.40 18.25
CA GLU A 61 -3.18 -8.40 17.30
C GLU A 61 -2.83 -8.87 15.89
N ASN A 62 -3.83 -8.94 15.01
CA ASN A 62 -3.59 -9.27 13.62
C ASN A 62 -2.73 -8.21 12.95
N CYS A 63 -1.85 -8.63 12.03
CA CYS A 63 -0.96 -7.70 11.33
C CYS A 63 -1.50 -7.38 9.93
N ALA A 64 -2.59 -8.02 9.52
CA ALA A 64 -3.19 -7.71 8.23
C ALA A 64 -3.10 -6.22 7.95
N GLY A 65 -2.52 -5.87 6.81
CA GLY A 65 -2.64 -4.54 6.25
C GLY A 65 -1.81 -3.48 6.96
N TRP A 66 -0.92 -3.86 7.88
CA TRP A 66 -0.10 -2.87 8.56
C TRP A 66 0.99 -2.40 7.61
N SER A 67 1.45 -1.17 7.85
CA SER A 67 2.65 -0.67 7.20
C SER A 67 3.83 -1.17 8.03
N SER A 68 5.02 -1.06 7.45
CA SER A 68 6.24 -1.39 8.16
C SER A 68 6.37 -0.48 9.38
N ASP A 69 6.38 0.85 9.14
CA ASP A 69 6.55 1.83 10.20
C ASP A 69 5.65 1.52 11.40
N LYS A 70 4.44 0.98 11.16
CA LYS A 70 3.54 0.67 12.27
C LYS A 70 4.00 -0.59 13.01
N ALA A 71 4.38 -1.63 12.27
CA ALA A 71 4.79 -2.87 12.89
C ALA A 71 5.99 -2.62 13.79
N HIS A 72 6.93 -1.78 13.34
CA HIS A 72 8.07 -1.35 14.13
C HIS A 72 7.62 -0.59 15.39
N LYS A 73 6.67 0.31 15.22
CA LYS A 73 6.14 1.08 16.33
C LYS A 73 5.57 0.10 17.35
N VAL A 74 4.67 -0.78 16.88
CA VAL A 74 4.02 -1.77 17.72
C VAL A 74 5.05 -2.48 18.59
N LEU A 75 6.21 -2.82 17.99
CA LEU A 75 7.21 -3.57 18.72
C LEU A 75 7.83 -2.72 19.84
N LYS A 76 7.97 -1.41 19.60
CA LYS A 76 8.44 -0.54 20.67
C LYS A 76 7.42 -0.56 21.81
N GLN A 77 6.17 -0.19 21.51
CA GLN A 77 5.10 -0.18 22.50
C GLN A 77 4.75 -1.61 22.90
N ALA A 78 5.42 -2.12 23.94
CA ALA A 78 5.24 -3.50 24.39
C ALA A 78 6.07 -3.77 25.64
N PHE A 79 5.45 -4.36 26.66
CA PHE A 79 6.13 -4.71 27.90
C PHE A 79 6.98 -5.96 27.69
N GLY A 80 8.29 -5.78 27.46
CA GLY A 80 9.16 -6.85 27.00
C GLY A 80 9.62 -7.80 28.10
N GLU A 81 8.67 -8.24 28.95
CA GLU A 81 8.78 -9.47 29.72
C GLU A 81 8.36 -10.63 28.82
N LYS A 82 7.42 -10.36 27.91
CA LYS A 82 6.86 -11.38 27.04
C LYS A 82 6.10 -10.70 25.89
N ILE A 83 6.58 -10.91 24.66
CA ILE A 83 5.88 -10.59 23.43
C ILE A 83 5.65 -11.88 22.67
N THR A 84 4.40 -12.11 22.21
CA THR A 84 3.99 -13.41 21.71
C THR A 84 3.57 -13.29 20.25
N MET A 85 4.31 -13.97 19.38
CA MET A 85 4.10 -13.82 17.96
C MET A 85 3.51 -15.10 17.37
N THR A 86 2.73 -14.93 16.30
CA THR A 86 2.24 -16.06 15.53
C THR A 86 2.81 -15.97 14.12
N ILE A 87 3.42 -17.08 13.68
CA ILE A 87 4.41 -17.10 12.60
C ILE A 87 3.99 -18.18 11.62
N ARG A 88 3.87 -17.85 10.32
CA ARG A 88 3.77 -18.84 9.26
C ARG A 88 5.15 -19.00 8.64
N ASP A 89 5.64 -20.24 8.56
CA ASP A 89 7.03 -20.50 8.21
C ASP A 89 7.25 -20.21 6.73
N ARG A 90 8.29 -19.43 6.46
CA ARG A 90 8.72 -18.87 5.18
C ARG A 90 7.75 -19.14 4.02
N PRO A 91 6.60 -18.44 3.98
CA PRO A 91 5.55 -18.75 3.02
C PRO A 91 5.97 -18.62 1.56
N PHE A 92 6.84 -17.65 1.28
CA PHE A 92 7.30 -17.37 -0.08
C PHE A 92 8.46 -18.25 -0.51
N GLU A 93 8.98 -19.14 0.34
CA GLU A 93 10.17 -19.89 -0.06
C GLU A 93 9.85 -21.36 -0.23
N ARG A 94 10.77 -22.05 -0.91
CA ARG A 94 10.75 -23.49 -1.09
C ARG A 94 12.16 -24.04 -0.91
N THR A 95 12.25 -25.32 -0.54
CA THR A 95 13.52 -25.99 -0.32
C THR A 95 13.66 -27.18 -1.26
N ILE A 96 14.79 -27.21 -1.98
CA ILE A 96 15.20 -28.28 -2.87
C ILE A 96 16.37 -29.05 -2.24
N THR A 97 16.37 -30.37 -2.44
CA THR A 97 17.48 -31.22 -2.03
C THR A 97 18.23 -31.67 -3.27
N MET A 98 19.57 -31.65 -3.19
CA MET A 98 20.39 -32.05 -4.32
C MET A 98 21.55 -32.94 -3.86
N HIS A 99 22.13 -33.70 -4.80
CA HIS A 99 23.27 -34.56 -4.53
C HIS A 99 24.39 -34.13 -5.48
N LYS A 100 25.65 -34.17 -5.00
CA LYS A 100 26.77 -33.75 -5.83
C LYS A 100 27.32 -34.96 -6.59
N ASP A 101 27.91 -34.66 -7.75
CA ASP A 101 28.60 -35.67 -8.53
C ASP A 101 29.93 -36.02 -7.87
N SER A 102 30.64 -36.95 -8.49
CA SER A 102 32.04 -37.21 -8.17
C SER A 102 32.84 -35.89 -8.14
N THR A 103 32.51 -34.96 -9.04
CA THR A 103 33.30 -33.77 -9.23
C THR A 103 32.81 -32.63 -8.33
N GLY A 104 31.88 -32.92 -7.42
CA GLY A 104 31.45 -32.00 -6.38
C GLY A 104 30.69 -30.80 -6.92
N HIS A 105 29.85 -31.04 -7.95
CA HIS A 105 28.91 -30.05 -8.47
C HIS A 105 27.48 -30.47 -8.14
N VAL A 106 26.58 -29.47 -8.02
CA VAL A 106 25.14 -29.73 -7.96
C VAL A 106 24.54 -29.40 -9.32
N GLY A 107 25.07 -28.36 -9.96
CA GLY A 107 24.82 -28.08 -11.36
C GLY A 107 23.94 -26.84 -11.58
N PHE A 108 24.40 -25.67 -11.10
CA PHE A 108 23.88 -24.39 -11.56
C PHE A 108 24.92 -23.28 -11.48
N ILE A 109 24.60 -22.15 -12.11
CA ILE A 109 25.35 -20.91 -12.01
C ILE A 109 24.46 -19.90 -11.30
N PHE A 110 25.06 -19.05 -10.45
CA PHE A 110 24.35 -18.00 -9.75
C PHE A 110 25.18 -16.72 -9.69
N LYS A 111 24.53 -15.58 -9.43
CA LYS A 111 25.15 -14.28 -9.34
C LYS A 111 24.32 -13.34 -8.47
N ASN A 112 24.95 -12.74 -7.44
CA ASN A 112 24.28 -11.89 -6.47
C ASN A 112 23.17 -12.65 -5.77
N GLY A 113 23.44 -13.92 -5.48
CA GLY A 113 22.46 -14.76 -4.82
C GLY A 113 21.49 -15.43 -5.79
N LYS A 114 21.37 -14.89 -7.01
CA LYS A 114 20.30 -15.28 -7.93
C LYS A 114 20.77 -16.35 -8.93
N ILE A 115 20.06 -17.48 -8.94
CA ILE A 115 20.39 -18.55 -9.86
C ILE A 115 20.03 -18.07 -11.25
N THR A 116 20.96 -18.27 -12.21
CA THR A 116 20.85 -17.70 -13.55
C THR A 116 20.91 -18.77 -14.62
N SER A 117 21.25 -20.01 -14.24
CA SER A 117 21.33 -21.06 -15.25
C SER A 117 21.40 -22.43 -14.58
N ILE A 118 20.87 -23.46 -15.26
CA ILE A 118 20.88 -24.85 -14.80
C ILE A 118 21.63 -25.68 -15.83
N VAL A 119 22.36 -26.70 -15.38
CA VAL A 119 23.33 -27.39 -16.22
C VAL A 119 22.81 -28.78 -16.56
N LYS A 120 22.85 -29.14 -17.85
CA LYS A 120 22.17 -30.32 -18.32
C LYS A 120 22.74 -31.55 -17.62
N ASP A 121 21.85 -32.47 -17.23
CA ASP A 121 22.21 -33.74 -16.60
C ASP A 121 22.69 -33.52 -15.15
N SER A 122 22.44 -32.34 -14.57
CA SER A 122 22.81 -32.12 -13.18
C SER A 122 21.71 -32.63 -12.25
N SER A 123 22.02 -32.71 -10.95
CA SER A 123 21.03 -33.02 -9.93
C SER A 123 20.07 -31.85 -9.76
N ALA A 124 20.61 -30.65 -9.94
CA ALA A 124 19.86 -29.41 -10.00
C ALA A 124 18.83 -29.45 -11.14
N ALA A 125 19.17 -30.14 -12.22
CA ALA A 125 18.23 -30.30 -13.32
C ALA A 125 17.21 -31.37 -12.98
N ARG A 126 17.69 -32.50 -12.45
CA ARG A 126 16.82 -33.59 -12.06
C ARG A 126 15.81 -33.11 -11.03
N ASN A 127 16.21 -32.16 -10.15
CA ASN A 127 15.36 -31.77 -9.04
C ASN A 127 14.48 -30.57 -9.37
N GLY A 128 14.71 -29.93 -10.52
CA GLY A 128 13.81 -28.89 -10.96
C GLY A 128 14.17 -27.58 -10.28
N LEU A 129 15.46 -27.29 -10.24
CA LEU A 129 15.84 -26.00 -9.70
C LEU A 129 15.56 -24.96 -10.78
N LEU A 130 15.20 -23.75 -10.37
CA LEU A 130 14.73 -22.72 -11.27
C LEU A 130 15.65 -21.51 -11.22
N THR A 131 15.76 -20.85 -12.37
CA THR A 131 16.49 -19.59 -12.47
C THR A 131 15.60 -18.45 -11.97
N GLU A 132 16.12 -17.24 -12.02
CA GLU A 132 15.42 -16.10 -11.49
C GLU A 132 14.93 -16.42 -10.08
N HIS A 133 15.77 -17.05 -9.25
CA HIS A 133 15.47 -17.28 -7.84
C HIS A 133 16.67 -16.88 -6.96
N ASN A 134 16.40 -16.13 -5.89
CA ASN A 134 17.47 -15.78 -4.94
C ASN A 134 17.64 -16.88 -3.92
N ILE A 135 18.89 -17.35 -3.78
CA ILE A 135 19.26 -18.28 -2.73
C ILE A 135 19.13 -17.58 -1.38
N CYS A 136 18.35 -18.18 -0.46
CA CYS A 136 18.11 -17.65 0.88
C CYS A 136 18.90 -18.41 1.93
N GLU A 137 18.90 -19.73 1.83
CA GLU A 137 19.50 -20.58 2.86
C GLU A 137 20.20 -21.77 2.17
N ILE A 138 21.25 -22.29 2.83
CA ILE A 138 21.88 -23.55 2.45
C ILE A 138 21.99 -24.42 3.70
N ASN A 139 21.51 -25.66 3.63
CA ASN A 139 21.53 -26.53 4.79
C ASN A 139 21.16 -25.72 6.02
N GLY A 140 20.07 -24.96 5.94
CA GLY A 140 19.48 -24.29 7.10
C GLY A 140 20.19 -23.01 7.53
N GLN A 141 21.25 -22.62 6.82
CA GLN A 141 21.99 -21.43 7.19
C GLN A 141 21.73 -20.31 6.19
N ASN A 142 21.33 -19.17 6.72
CA ASN A 142 21.02 -18.02 5.90
C ASN A 142 22.31 -17.59 5.22
N VAL A 143 22.27 -17.24 3.92
CA VAL A 143 23.47 -16.83 3.18
C VAL A 143 23.22 -15.48 2.53
N ILE A 144 22.13 -14.82 2.91
CA ILE A 144 21.78 -13.60 2.22
C ILE A 144 22.75 -12.50 2.62
N GLY A 145 23.37 -11.88 1.62
CA GLY A 145 24.21 -10.72 1.85
C GLY A 145 25.69 -11.10 1.78
N LEU A 146 25.96 -12.38 1.98
CA LEU A 146 27.27 -12.96 1.69
C LEU A 146 27.62 -12.72 0.23
N LYS A 147 28.87 -12.99 -0.08
CA LYS A 147 29.36 -12.80 -1.44
C LYS A 147 29.33 -14.18 -2.09
N ASP A 148 29.40 -14.21 -3.42
CA ASP A 148 29.12 -15.42 -4.15
C ASP A 148 30.19 -16.46 -3.82
N SER A 149 31.42 -15.97 -3.61
CA SER A 149 32.56 -16.80 -3.30
C SER A 149 32.34 -17.56 -2.00
N GLN A 150 31.70 -16.89 -1.04
CA GLN A 150 31.43 -17.49 0.26
C GLN A 150 30.31 -18.52 0.18
N ILE A 151 29.35 -18.27 -0.73
CA ILE A 151 28.25 -19.21 -0.95
C ILE A 151 28.84 -20.46 -1.62
N ALA A 152 29.73 -20.22 -2.59
CA ALA A 152 30.50 -21.27 -3.22
C ALA A 152 31.27 -22.07 -2.17
N ASP A 153 31.87 -21.36 -1.21
CA ASP A 153 32.61 -22.01 -0.14
C ASP A 153 31.69 -22.86 0.72
N ILE A 154 30.46 -22.43 1.00
CA ILE A 154 29.55 -23.23 1.81
C ILE A 154 29.12 -24.47 1.02
N LEU A 155 29.00 -24.31 -0.30
CA LEU A 155 28.54 -25.36 -1.18
C LEU A 155 29.70 -26.30 -1.44
N SER A 156 30.87 -25.72 -1.73
CA SER A 156 32.09 -26.48 -1.91
C SER A 156 32.40 -27.29 -0.65
N THR A 157 32.07 -26.75 0.54
CA THR A 157 32.42 -27.40 1.79
C THR A 157 31.27 -28.25 2.36
N SER A 158 30.09 -28.19 1.75
CA SER A 158 28.98 -28.96 2.28
C SER A 158 29.20 -30.43 1.99
N GLY A 159 28.47 -31.28 2.73
CA GLY A 159 28.57 -32.71 2.54
C GLY A 159 28.29 -33.09 1.10
N THR A 160 27.96 -34.37 0.89
CA THR A 160 27.57 -34.86 -0.42
C THR A 160 26.14 -34.42 -0.73
N VAL A 161 25.36 -34.14 0.33
CA VAL A 161 23.99 -33.63 0.18
C VAL A 161 23.97 -32.12 0.44
N VAL A 162 23.26 -31.41 -0.45
CA VAL A 162 23.06 -29.99 -0.33
C VAL A 162 21.56 -29.70 -0.32
N THR A 163 21.19 -28.66 0.40
CA THR A 163 19.80 -28.30 0.55
C THR A 163 19.70 -26.80 0.42
N ILE A 164 18.91 -26.32 -0.54
CA ILE A 164 18.86 -24.88 -0.78
C ILE A 164 17.42 -24.40 -0.61
N THR A 165 17.29 -23.28 0.07
CA THR A 165 16.04 -22.56 0.20
C THR A 165 16.10 -21.32 -0.67
N ILE A 166 15.13 -21.27 -1.60
CA ILE A 166 15.09 -20.29 -2.66
C ILE A 166 13.82 -19.46 -2.52
N MET A 167 13.81 -18.29 -3.15
CA MET A 167 12.69 -17.37 -3.17
C MET A 167 12.67 -16.67 -4.52
N PRO A 168 11.50 -16.56 -5.19
CA PRO A 168 11.37 -15.78 -6.42
C PRO A 168 11.95 -14.38 -6.39
N ALA A 169 12.94 -14.11 -7.24
CA ALA A 169 13.67 -12.86 -7.17
C ALA A 169 12.76 -11.66 -7.06
N PHE A 170 11.65 -11.63 -7.80
N PHE A 170 11.62 -11.69 -7.75
CA PHE A 170 10.78 -10.46 -7.72
CA PHE A 170 10.72 -10.54 -7.79
C PHE A 170 10.39 -10.24 -6.27
C PHE A 170 10.10 -10.30 -6.41
N ILE A 171 10.05 -11.35 -5.57
CA ILE A 171 9.57 -11.24 -4.19
C ILE A 171 10.74 -10.90 -3.29
N PHE A 172 11.86 -11.59 -3.54
CA PHE A 172 13.10 -11.32 -2.83
C PHE A 172 13.49 -9.83 -2.93
N GLU A 173 13.56 -9.29 -4.15
CA GLU A 173 13.97 -7.89 -4.33
C GLU A 173 13.01 -6.94 -3.63
N HIS A 174 11.73 -7.32 -3.50
CA HIS A 174 10.75 -6.45 -2.87
C HIS A 174 10.85 -6.49 -1.34
N ILE A 175 11.36 -7.60 -0.79
CA ILE A 175 11.58 -7.72 0.65
C ILE A 175 12.81 -6.90 1.09
N ILE A 176 13.93 -7.02 0.38
CA ILE A 176 15.22 -6.52 0.84
C ILE A 176 15.36 -5.03 0.56
N LYS A 177 14.63 -4.47 -0.40
CA LYS A 177 14.71 -3.05 -0.73
C LYS A 177 14.58 -2.22 0.53
N ARG A 178 15.07 -0.98 0.49
CA ARG A 178 15.06 -0.08 1.63
C ARG A 178 15.98 -0.60 2.72
N MET A 179 16.97 -1.39 2.30
CA MET A 179 17.97 -1.94 3.20
C MET A 179 19.28 -2.05 2.45
N ALA A 180 20.33 -1.49 3.07
CA ALA A 180 21.64 -1.33 2.45
C ALA A 180 22.43 -2.64 2.59
N PRO A 181 23.13 -3.09 1.51
CA PRO A 181 23.74 -4.42 1.48
C PRO A 181 24.71 -4.80 2.61
N SER A 182 25.37 -3.80 3.23
CA SER A 182 26.38 -4.02 4.25
C SER A 182 25.73 -4.47 5.57
N ILE A 183 24.51 -3.98 5.81
CA ILE A 183 23.72 -4.39 6.95
C ILE A 183 23.43 -5.89 6.80
N MET A 184 22.97 -6.26 5.59
CA MET A 184 22.67 -7.63 5.22
C MET A 184 23.89 -8.53 5.41
N LYS A 185 25.07 -7.99 5.07
CA LYS A 185 26.32 -8.72 5.12
C LYS A 185 26.83 -8.82 6.56
N SER A 186 26.63 -7.75 7.35
CA SER A 186 27.27 -7.64 8.66
C SER A 186 26.34 -8.11 9.77
N LEU A 187 25.03 -7.93 9.58
CA LEU A 187 24.13 -8.01 10.71
C LEU A 187 23.13 -9.18 10.62
N MET A 188 22.52 -9.40 9.44
CA MET A 188 21.72 -10.59 9.15
C MET A 188 22.42 -11.83 9.71
N ASP A 189 21.70 -12.58 10.54
CA ASP A 189 22.23 -13.76 11.21
C ASP A 189 22.59 -14.82 10.18
N HIS A 190 23.87 -15.21 10.11
CA HIS A 190 24.31 -16.24 9.18
C HIS A 190 24.87 -17.45 9.90
N THR A 191 24.27 -17.84 11.03
CA THR A 191 24.85 -18.87 11.86
C THR A 191 23.98 -20.11 11.82
N ILE A 192 24.62 -21.26 11.98
CA ILE A 192 23.89 -22.49 12.25
C ILE A 192 23.08 -22.22 13.51
N PRO A 193 21.79 -22.58 13.57
CA PRO A 193 21.00 -22.53 14.82
C PRO A 193 21.58 -23.24 16.03
N GLU A 194 21.45 -22.62 17.19
CA GLU A 194 21.95 -23.15 18.45
C GLU A 194 20.94 -24.16 19.00
N VAL A 195 21.44 -25.14 19.76
CA VAL A 195 20.61 -26.09 20.47
C VAL A 195 21.12 -26.20 21.93
N ALA B 3 12.30 27.32 25.38
CA ALA B 3 13.16 26.78 24.29
C ALA B 3 14.63 26.94 24.65
N GLU B 4 14.97 26.64 25.92
CA GLU B 4 16.24 27.02 26.52
C GLU B 4 17.33 25.97 26.24
N ILE B 5 18.57 26.42 26.01
CA ILE B 5 19.72 25.58 25.70
C ILE B 5 20.07 24.75 26.93
N LYS B 6 20.03 23.41 26.79
CA LYS B 6 20.30 22.46 27.87
C LYS B 6 21.79 22.16 27.95
N GLN B 7 22.43 22.65 29.02
CA GLN B 7 23.81 22.30 29.34
C GLN B 7 23.90 20.81 29.66
N GLY B 8 25.05 20.21 29.33
CA GLY B 8 25.24 18.77 29.47
C GLY B 8 24.54 17.96 28.37
N ILE B 9 24.50 16.65 28.58
CA ILE B 9 24.34 15.67 27.51
C ILE B 9 23.04 14.92 27.68
N ARG B 10 22.31 14.63 26.59
CA ARG B 10 21.21 13.68 26.68
C ARG B 10 21.37 12.57 25.65
N GLU B 11 20.69 11.45 25.90
CA GLU B 11 20.71 10.31 25.00
C GLU B 11 19.34 10.14 24.37
N VAL B 12 19.33 9.87 23.06
CA VAL B 12 18.12 9.80 22.26
C VAL B 12 18.11 8.46 21.53
N ILE B 13 16.92 7.88 21.32
CA ILE B 13 16.81 6.58 20.69
C ILE B 13 15.94 6.73 19.45
N LEU B 14 16.42 6.19 18.31
CA LEU B 14 15.75 6.32 17.04
C LEU B 14 15.46 4.94 16.48
N CYS B 15 14.36 4.86 15.74
CA CYS B 15 14.11 3.78 14.82
C CYS B 15 14.22 4.33 13.40
N LYS B 16 14.93 3.63 12.50
CA LYS B 16 14.93 4.03 11.10
C LYS B 16 13.54 3.79 10.55
N ASP B 17 13.06 4.69 9.69
CA ASP B 17 11.75 4.55 9.09
C ASP B 17 11.82 3.45 8.03
N GLN B 18 10.71 3.22 7.32
CA GLN B 18 10.60 2.09 6.41
C GLN B 18 11.43 2.32 5.14
N ASP B 19 12.00 3.53 4.97
CA ASP B 19 12.82 3.81 3.80
C ASP B 19 14.30 3.69 4.14
N GLY B 20 14.62 3.40 5.42
CA GLY B 20 15.98 3.24 5.88
C GLY B 20 16.63 4.57 6.26
N LYS B 21 15.78 5.59 6.48
CA LYS B 21 16.22 6.97 6.70
C LYS B 21 15.89 7.41 8.12
N ILE B 22 16.67 8.37 8.60
CA ILE B 22 16.54 8.91 9.93
C ILE B 22 16.09 10.36 9.84
N GLY B 23 16.33 10.97 8.67
CA GLY B 23 15.89 12.32 8.40
C GLY B 23 16.85 13.31 9.01
N LEU B 24 18.14 13.08 8.78
CA LEU B 24 19.24 13.84 9.33
C LEU B 24 20.31 14.11 8.28
N ARG B 25 21.00 15.24 8.43
CA ARG B 25 22.31 15.38 7.83
C ARG B 25 23.30 15.94 8.85
N LEU B 26 24.53 15.43 8.77
CA LEU B 26 25.58 15.61 9.75
C LEU B 26 26.79 16.21 9.07
N LYS B 27 27.46 17.12 9.80
CA LYS B 27 28.55 17.91 9.24
C LYS B 27 29.65 18.02 10.28
N SER B 28 30.89 17.89 9.80
CA SER B 28 32.10 17.97 10.59
C SER B 28 32.45 19.43 10.82
N ILE B 29 32.53 19.84 12.10
CA ILE B 29 33.00 21.18 12.48
C ILE B 29 33.95 21.07 13.67
N ASP B 30 35.15 21.63 13.49
CA ASP B 30 36.12 21.77 14.55
C ASP B 30 36.30 20.40 15.20
N ASN B 31 36.44 19.38 14.35
CA ASN B 31 36.68 18.00 14.77
C ASN B 31 35.56 17.45 15.65
N GLY B 32 34.35 18.01 15.50
CA GLY B 32 33.13 17.38 15.98
C GLY B 32 32.15 17.17 14.83
N ILE B 33 30.97 16.60 15.15
CA ILE B 33 29.91 16.29 14.20
C ILE B 33 28.62 16.98 14.63
N PHE B 34 27.94 17.63 13.67
CA PHE B 34 26.84 18.52 14.01
C PHE B 34 25.71 18.40 12.98
N VAL B 35 24.50 18.66 13.46
CA VAL B 35 23.33 18.45 12.65
C VAL B 35 23.20 19.67 11.76
N GLN B 36 23.16 19.46 10.43
CA GLN B 36 23.02 20.55 9.47
C GLN B 36 21.59 20.57 8.91
N LEU B 37 20.86 19.47 9.06
CA LEU B 37 19.49 19.38 8.59
C LEU B 37 18.72 18.33 9.41
N VAL B 38 17.49 18.65 9.80
CA VAL B 38 16.52 17.65 10.24
C VAL B 38 15.31 17.74 9.32
N GLN B 39 14.74 16.61 8.91
CA GLN B 39 13.55 16.59 8.04
C GLN B 39 12.28 16.48 8.86
N ALA B 40 11.22 17.16 8.43
CA ALA B 40 9.96 17.07 9.17
C ALA B 40 9.39 15.66 8.99
N ASN B 41 8.65 15.19 10.00
CA ASN B 41 7.95 13.93 9.88
C ASN B 41 9.00 12.86 9.61
N SER B 42 9.99 12.83 10.51
CA SER B 42 11.10 11.93 10.39
C SER B 42 11.39 11.41 11.78
N PRO B 43 12.02 10.21 11.91
CA PRO B 43 12.42 9.70 13.21
C PRO B 43 13.06 10.85 13.95
N ALA B 44 13.94 11.58 13.24
CA ALA B 44 14.82 12.57 13.84
C ALA B 44 14.01 13.70 14.49
N SER B 45 13.10 14.32 13.73
CA SER B 45 12.27 15.40 14.25
C SER B 45 11.51 14.91 15.49
N LEU B 46 10.80 13.78 15.30
CA LEU B 46 9.98 13.18 16.34
C LEU B 46 10.75 13.05 17.65
N VAL B 47 12.04 12.70 17.59
CA VAL B 47 12.80 12.43 18.81
C VAL B 47 13.34 13.71 19.40
N GLY B 48 13.35 14.81 18.63
CA GLY B 48 13.65 16.11 19.22
C GLY B 48 15.07 16.56 18.93
N LEU B 49 15.68 15.98 17.87
CA LEU B 49 16.94 16.49 17.36
C LEU B 49 16.67 17.79 16.59
N ARG B 50 17.69 18.67 16.63
CA ARG B 50 17.57 20.02 16.12
C ARG B 50 18.86 20.46 15.42
N PHE B 51 18.67 21.43 14.52
CA PHE B 51 19.78 22.09 13.86
C PHE B 51 20.76 22.54 14.94
N GLY B 52 22.04 22.37 14.68
CA GLY B 52 23.06 22.92 15.54
C GLY B 52 23.46 21.97 16.66
N ASP B 53 22.64 20.94 16.94
CA ASP B 53 22.97 19.89 17.88
C ASP B 53 24.32 19.22 17.56
N GLN B 54 25.05 18.86 18.61
CA GLN B 54 26.31 18.14 18.49
C GLN B 54 26.11 16.66 18.81
N VAL B 55 26.61 15.77 17.94
CA VAL B 55 26.50 14.35 18.20
C VAL B 55 27.83 13.84 18.76
N LEU B 56 27.79 13.43 20.03
CA LEU B 56 28.99 13.00 20.73
C LEU B 56 29.30 11.57 20.36
N GLN B 57 28.25 10.75 20.41
CA GLN B 57 28.38 9.36 20.04
C GLN B 57 27.17 8.87 19.26
N ILE B 58 27.42 7.91 18.34
CA ILE B 58 26.42 7.06 17.70
C ILE B 58 26.68 5.61 18.09
N ASN B 59 25.75 5.04 18.84
CA ASN B 59 25.81 3.62 19.14
C ASN B 59 27.03 3.32 20.01
N GLY B 60 27.46 4.29 20.82
CA GLY B 60 28.58 4.10 21.73
C GLY B 60 29.94 4.39 21.09
N GLU B 61 29.98 4.72 19.80
CA GLU B 61 31.22 5.12 19.14
C GLU B 61 31.35 6.64 19.28
N ASN B 62 32.58 7.16 19.39
CA ASN B 62 32.83 8.59 19.52
C ASN B 62 32.92 9.21 18.14
N CYS B 63 32.35 10.41 17.98
CA CYS B 63 32.24 11.03 16.67
C CYS B 63 33.45 11.92 16.40
N ALA B 64 34.21 12.21 17.47
CA ALA B 64 35.44 12.99 17.40
C ALA B 64 36.30 12.65 16.19
N GLY B 65 36.52 13.63 15.32
CA GLY B 65 37.48 13.51 14.25
C GLY B 65 36.82 13.01 12.96
N TRP B 66 35.60 12.47 13.09
CA TRP B 66 34.94 11.83 11.96
C TRP B 66 34.69 12.89 10.90
N SER B 67 34.84 12.53 9.62
CA SER B 67 34.37 13.42 8.58
C SER B 67 32.86 13.22 8.45
N SER B 68 32.20 14.14 7.73
CA SER B 68 30.81 14.02 7.37
C SER B 68 30.53 12.63 6.80
N ASP B 69 31.34 12.24 5.80
CA ASP B 69 31.13 11.03 5.03
C ASP B 69 31.21 9.81 5.93
N LYS B 70 32.16 9.81 6.87
CA LYS B 70 32.21 8.68 7.79
C LYS B 70 30.92 8.62 8.62
N ALA B 71 30.28 9.76 8.83
CA ALA B 71 29.16 9.76 9.77
C ALA B 71 27.88 9.31 9.05
N HIS B 72 27.63 9.87 7.87
CA HIS B 72 26.55 9.38 7.02
C HIS B 72 26.69 7.91 6.72
N LYS B 73 27.92 7.46 6.46
CA LYS B 73 28.19 6.07 6.18
C LYS B 73 27.77 5.24 7.39
N VAL B 74 28.14 5.69 8.59
CA VAL B 74 27.83 4.94 9.80
C VAL B 74 26.31 4.85 9.98
N LEU B 75 25.59 5.92 9.63
CA LEU B 75 24.13 5.92 9.67
C LEU B 75 23.55 5.03 8.58
N LYS B 76 24.11 5.13 7.37
CA LYS B 76 23.72 4.25 6.30
C LYS B 76 23.84 2.78 6.76
N GLN B 77 24.87 2.43 7.54
CA GLN B 77 25.14 1.05 7.88
C GLN B 77 24.49 0.64 9.20
N ALA B 78 24.01 1.62 9.95
CA ALA B 78 23.35 1.36 11.21
C ALA B 78 22.13 0.44 11.06
N PHE B 79 22.08 -0.64 11.83
CA PHE B 79 20.86 -1.39 12.00
C PHE B 79 19.72 -0.50 12.50
N GLY B 80 18.51 -0.74 11.97
CA GLY B 80 17.46 0.26 11.99
C GLY B 80 16.56 0.22 13.22
N GLU B 81 16.63 -0.82 14.05
CA GLU B 81 15.69 -0.99 15.15
C GLU B 81 15.95 -0.01 16.31
N LYS B 82 17.21 0.11 16.73
CA LYS B 82 17.53 1.04 17.80
C LYS B 82 18.95 1.58 17.59
N ILE B 83 19.01 2.87 17.26
CA ILE B 83 20.26 3.61 17.17
C ILE B 83 20.30 4.58 18.35
N THR B 84 21.28 4.44 19.23
CA THR B 84 21.42 5.41 20.32
C THR B 84 22.37 6.51 19.86
N MET B 85 21.99 7.76 20.15
CA MET B 85 22.88 8.90 20.00
C MET B 85 22.94 9.67 21.33
N THR B 86 24.12 10.18 21.66
CA THR B 86 24.27 11.07 22.79
C THR B 86 24.53 12.47 22.24
N ILE B 87 23.83 13.47 22.81
CA ILE B 87 23.73 14.83 22.27
C ILE B 87 24.22 15.87 23.26
N ARG B 88 24.87 16.93 22.74
CA ARG B 88 25.02 18.18 23.46
C ARG B 88 24.15 19.21 22.75
N ASP B 89 23.24 19.85 23.49
CA ASP B 89 22.18 20.67 22.95
C ASP B 89 22.77 21.94 22.34
N ARG B 90 22.58 22.11 21.02
CA ARG B 90 22.95 23.30 20.27
C ARG B 90 24.05 24.16 20.92
N PRO B 91 25.26 23.60 21.14
CA PRO B 91 26.34 24.33 21.78
C PRO B 91 26.70 25.70 21.22
N PHE B 92 26.55 25.91 19.91
CA PHE B 92 26.99 27.14 19.27
C PHE B 92 25.92 28.22 19.43
N GLU B 93 24.74 27.83 19.92
CA GLU B 93 23.60 28.72 20.00
C GLU B 93 23.39 29.19 21.43
N ARG B 94 22.60 30.26 21.51
CA ARG B 94 22.15 30.88 22.74
C ARG B 94 20.76 31.41 22.45
N THR B 95 19.95 31.59 23.50
CA THR B 95 18.63 32.18 23.27
C THR B 95 18.47 33.46 24.06
N ILE B 96 17.58 34.30 23.51
CA ILE B 96 17.25 35.63 24.00
C ILE B 96 15.73 35.71 23.97
N THR B 97 15.16 36.19 25.09
CA THR B 97 13.74 36.47 25.21
C THR B 97 13.54 37.99 25.29
N MET B 98 12.54 38.51 24.57
CA MET B 98 12.33 39.93 24.41
C MET B 98 10.82 40.17 24.28
N HIS B 99 10.33 41.40 24.50
CA HIS B 99 8.88 41.65 24.51
C HIS B 99 8.47 42.67 23.44
N LYS B 100 7.64 42.24 22.49
CA LYS B 100 6.98 43.14 21.56
C LYS B 100 6.43 44.34 22.35
N ASP B 101 6.61 45.55 21.80
CA ASP B 101 6.11 46.76 22.44
C ASP B 101 4.75 47.06 21.83
N SER B 102 4.20 48.25 22.12
CA SER B 102 2.89 48.63 21.62
C SER B 102 2.85 48.59 20.10
N THR B 103 3.98 49.00 19.48
CA THR B 103 4.17 48.98 18.03
C THR B 103 4.37 47.56 17.56
N GLY B 104 4.74 46.66 18.48
CA GLY B 104 4.74 45.23 18.21
C GLY B 104 6.11 44.72 17.76
N HIS B 105 7.16 45.37 18.29
CA HIS B 105 8.54 45.27 17.83
C HIS B 105 9.49 45.07 19.00
N VAL B 106 10.52 44.24 18.76
CA VAL B 106 11.44 43.84 19.81
C VAL B 106 12.75 44.60 19.61
N GLY B 107 13.06 44.91 18.33
CA GLY B 107 13.94 46.03 18.04
C GLY B 107 15.22 45.60 17.32
N PHE B 108 15.07 44.99 16.15
CA PHE B 108 16.25 44.77 15.35
C PHE B 108 15.90 44.75 13.86
N ILE B 109 16.98 44.77 13.08
CA ILE B 109 16.91 44.63 11.64
C ILE B 109 17.72 43.40 11.25
N PHE B 110 17.19 42.60 10.33
CA PHE B 110 17.90 41.45 9.83
C PHE B 110 17.76 41.45 8.31
N LYS B 111 18.48 40.53 7.66
CA LYS B 111 18.55 40.37 6.22
C LYS B 111 19.11 38.98 5.92
N ASN B 112 18.55 38.26 4.95
CA ASN B 112 18.88 36.84 4.78
C ASN B 112 18.97 36.17 6.15
N GLY B 113 18.04 36.51 7.04
CA GLY B 113 17.98 35.89 8.35
C GLY B 113 19.20 36.13 9.26
N LYS B 114 20.02 37.15 8.95
CA LYS B 114 21.11 37.53 9.81
C LYS B 114 20.81 38.90 10.40
N ILE B 115 21.09 39.05 11.69
CA ILE B 115 20.78 40.27 12.40
C ILE B 115 21.84 41.30 12.09
N THR B 116 21.40 42.48 11.62
CA THR B 116 22.32 43.51 11.16
C THR B 116 22.24 44.76 12.00
N SER B 117 21.15 45.00 12.72
CA SER B 117 21.09 46.22 13.51
C SER B 117 20.22 45.99 14.74
N ILE B 118 20.57 46.66 15.85
CA ILE B 118 19.81 46.64 17.08
C ILE B 118 19.24 48.04 17.30
N VAL B 119 17.90 48.13 17.33
CA VAL B 119 17.20 49.40 17.53
C VAL B 119 17.40 49.92 18.96
N LYS B 120 17.32 51.25 19.09
CA LYS B 120 17.73 51.95 20.30
C LYS B 120 16.67 51.81 21.39
N ASP B 121 17.13 51.70 22.64
CA ASP B 121 16.26 51.49 23.78
C ASP B 121 15.03 50.67 23.37
N SER B 122 15.28 49.47 22.79
CA SER B 122 14.22 48.49 22.53
C SER B 122 14.45 47.25 23.39
N SER B 123 13.51 46.31 23.33
CA SER B 123 13.64 45.09 24.10
C SER B 123 14.95 44.41 23.70
N ALA B 124 15.05 44.16 22.39
CA ALA B 124 16.26 43.64 21.78
C ALA B 124 17.47 44.35 22.35
N ALA B 125 17.43 45.68 22.43
CA ALA B 125 18.54 46.41 23.00
C ALA B 125 18.82 45.92 24.41
N ARG B 126 17.77 45.77 25.24
CA ARG B 126 17.94 45.52 26.67
C ARG B 126 18.63 44.17 26.93
N ASN B 127 18.26 43.15 26.14
CA ASN B 127 18.67 41.79 26.41
C ASN B 127 20.05 41.47 25.82
N GLY B 128 20.67 42.45 25.14
CA GLY B 128 22.03 42.31 24.64
C GLY B 128 22.12 41.53 23.32
N LEU B 129 21.02 41.55 22.54
CA LEU B 129 20.99 40.88 21.25
C LEU B 129 22.13 41.42 20.42
N LEU B 130 22.71 40.56 19.57
CA LEU B 130 23.95 40.87 18.88
C LEU B 130 23.72 40.87 17.36
N THR B 131 24.51 41.66 16.64
CA THR B 131 24.44 41.62 15.19
C THR B 131 25.36 40.51 14.71
N GLU B 132 25.35 40.25 13.41
CA GLU B 132 26.26 39.32 12.75
C GLU B 132 26.03 37.95 13.35
N HIS B 133 24.75 37.71 13.69
CA HIS B 133 24.24 36.44 14.17
C HIS B 133 23.02 36.08 13.31
N ASN B 134 23.00 34.82 12.84
CA ASN B 134 21.89 34.24 12.13
C ASN B 134 20.81 33.84 13.12
N ILE B 135 19.56 34.15 12.77
CA ILE B 135 18.39 33.65 13.48
C ILE B 135 18.23 32.17 13.13
N CYS B 136 18.09 31.34 14.18
CA CYS B 136 17.98 29.90 14.01
C CYS B 136 16.57 29.41 14.35
N GLU B 137 16.06 29.84 15.51
CA GLU B 137 14.72 29.48 15.96
C GLU B 137 14.01 30.72 16.52
N ILE B 138 12.67 30.78 16.37
CA ILE B 138 11.85 31.74 17.08
C ILE B 138 10.83 30.96 17.91
N ASN B 139 10.89 31.15 19.24
CA ASN B 139 10.17 30.33 20.19
C ASN B 139 10.39 28.84 19.88
N GLY B 140 11.63 28.51 19.55
CA GLY B 140 12.04 27.12 19.46
C GLY B 140 11.47 26.43 18.23
N GLN B 141 10.98 27.25 17.29
CA GLN B 141 10.68 26.79 15.94
C GLN B 141 11.82 27.19 14.99
N ASN B 142 12.28 26.23 14.17
CA ASN B 142 13.39 26.38 13.25
C ASN B 142 12.96 27.19 12.03
N VAL B 143 13.69 28.26 11.71
CA VAL B 143 13.31 29.13 10.60
C VAL B 143 14.42 29.18 9.55
N ILE B 144 15.25 28.15 9.47
CA ILE B 144 16.36 28.16 8.54
C ILE B 144 15.90 27.81 7.13
N GLY B 145 16.23 28.71 6.20
CA GLY B 145 15.85 28.54 4.80
C GLY B 145 14.50 29.19 4.48
N LEU B 146 13.80 29.73 5.49
CA LEU B 146 12.67 30.62 5.30
C LEU B 146 13.14 31.99 4.82
N LYS B 147 12.18 32.75 4.27
CA LYS B 147 12.44 34.07 3.71
C LYS B 147 12.26 35.16 4.75
N ASP B 148 12.95 36.27 4.56
CA ASP B 148 12.92 37.32 5.55
C ASP B 148 11.46 37.67 5.89
N SER B 149 10.57 37.53 4.90
CA SER B 149 9.17 37.82 5.16
C SER B 149 8.54 36.69 5.99
N GLN B 150 8.78 35.43 5.62
CA GLN B 150 8.28 34.29 6.38
C GLN B 150 8.70 34.44 7.85
N ILE B 151 9.95 34.86 8.08
CA ILE B 151 10.45 35.01 9.44
C ILE B 151 9.78 36.23 10.09
N ALA B 152 9.42 37.23 9.28
CA ALA B 152 8.75 38.42 9.78
C ALA B 152 7.31 38.11 10.18
N ASP B 153 6.60 37.32 9.35
CA ASP B 153 5.24 36.90 9.63
C ASP B 153 5.18 36.21 10.98
N ILE B 154 6.16 35.34 11.21
CA ILE B 154 6.18 34.43 12.34
C ILE B 154 6.48 35.19 13.64
N LEU B 155 7.31 36.24 13.53
CA LEU B 155 7.52 37.13 14.66
C LEU B 155 6.20 37.82 15.00
N SER B 156 5.39 38.08 13.97
CA SER B 156 4.19 38.87 14.13
C SER B 156 3.15 38.01 14.84
N THR B 157 2.95 36.80 14.32
CA THR B 157 1.90 35.91 14.77
C THR B 157 2.20 35.37 16.17
N SER B 158 3.40 35.69 16.68
CA SER B 158 3.77 35.41 18.06
C SER B 158 2.87 36.18 19.00
N GLY B 159 3.36 36.38 20.23
CA GLY B 159 2.82 37.37 21.15
C GLY B 159 3.94 38.07 21.89
N THR B 160 3.55 38.90 22.85
CA THR B 160 4.47 39.80 23.53
C THR B 160 5.79 39.10 23.80
N VAL B 161 5.71 37.83 24.23
CA VAL B 161 6.89 37.18 24.75
C VAL B 161 7.49 36.35 23.62
N VAL B 162 8.69 36.74 23.16
CA VAL B 162 9.34 36.19 21.99
C VAL B 162 10.74 35.71 22.37
N THR B 163 11.07 34.47 22.03
CA THR B 163 12.40 33.93 22.28
C THR B 163 13.10 33.71 20.95
N ILE B 164 14.32 34.25 20.81
CA ILE B 164 15.11 34.05 19.60
C ILE B 164 16.32 33.18 19.95
N THR B 165 16.58 32.17 19.11
CA THR B 165 17.80 31.40 19.18
C THR B 165 18.72 31.82 18.03
N ILE B 166 19.93 32.24 18.37
CA ILE B 166 20.86 32.81 17.42
C ILE B 166 22.17 32.03 17.43
N MET B 167 22.93 32.18 16.34
CA MET B 167 24.20 31.52 16.15
C MET B 167 25.14 32.50 15.44
N PRO B 168 26.40 32.61 15.89
CA PRO B 168 27.37 33.47 15.19
C PRO B 168 27.40 33.14 13.69
N ALA B 169 27.32 34.20 12.87
CA ALA B 169 27.11 34.06 11.44
C ALA B 169 28.22 33.21 10.83
N PHE B 170 29.44 33.43 11.30
N PHE B 170 29.46 33.43 11.25
CA PHE B 170 30.62 32.78 10.72
CA PHE B 170 30.59 32.76 10.64
C PHE B 170 30.51 31.27 10.90
C PHE B 170 30.50 31.25 10.87
N ILE B 171 29.89 30.84 11.99
CA ILE B 171 29.72 29.43 12.29
C ILE B 171 28.55 28.88 11.48
N PHE B 172 27.42 29.62 11.52
CA PHE B 172 26.27 29.26 10.71
C PHE B 172 26.64 29.02 9.23
N GLU B 173 27.48 29.88 8.65
CA GLU B 173 27.88 29.71 7.26
C GLU B 173 28.75 28.45 7.11
N HIS B 174 29.52 28.09 8.14
CA HIS B 174 30.37 26.91 8.05
C HIS B 174 29.52 25.64 8.09
N ILE B 175 28.50 25.64 8.95
CA ILE B 175 27.65 24.48 9.17
C ILE B 175 26.82 24.18 7.91
N ILE B 176 26.40 25.22 7.18
CA ILE B 176 25.48 24.99 6.08
C ILE B 176 26.22 24.60 4.81
N LYS B 177 27.57 24.61 4.84
CA LYS B 177 28.41 24.18 3.72
C LYS B 177 28.18 22.70 3.41
N ARG B 178 28.56 22.32 2.17
CA ARG B 178 28.39 20.97 1.65
C ARG B 178 26.91 20.56 1.64
N MET B 179 26.01 21.50 1.30
CA MET B 179 24.59 21.22 1.30
C MET B 179 23.88 22.27 0.45
N ALA B 180 23.17 21.78 -0.60
CA ALA B 180 22.56 22.61 -1.62
C ALA B 180 21.37 23.37 -1.04
N PRO B 181 21.34 24.72 -1.12
CA PRO B 181 20.22 25.50 -0.55
C PRO B 181 18.80 25.14 -0.98
N SER B 182 18.65 24.26 -1.98
CA SER B 182 17.32 23.85 -2.43
C SER B 182 16.80 22.73 -1.51
N ILE B 183 17.75 21.92 -1.03
CA ILE B 183 17.55 20.93 0.01
C ILE B 183 17.14 21.64 1.31
N MET B 184 17.96 22.62 1.69
CA MET B 184 17.80 23.27 2.97
C MET B 184 16.47 24.01 2.97
N LYS B 185 16.19 24.66 1.83
CA LYS B 185 14.96 25.41 1.66
C LYS B 185 13.77 24.45 1.70
N SER B 186 13.91 23.23 1.16
CA SER B 186 12.73 22.40 0.94
C SER B 186 12.54 21.38 2.06
N LEU B 187 13.60 21.04 2.81
CA LEU B 187 13.56 19.90 3.71
C LEU B 187 13.61 20.30 5.19
N MET B 188 14.22 21.46 5.49
CA MET B 188 14.47 21.77 6.88
C MET B 188 13.13 21.66 7.61
N ASP B 189 13.14 20.91 8.71
CA ASP B 189 12.00 20.78 9.61
C ASP B 189 11.68 22.15 10.20
N HIS B 190 10.40 22.55 10.17
CA HIS B 190 9.95 23.81 10.74
C HIS B 190 8.69 23.63 11.61
N THR B 191 8.50 22.40 12.10
CA THR B 191 7.49 22.02 13.07
C THR B 191 7.47 22.93 14.28
N ILE B 192 6.27 23.31 14.70
CA ILE B 192 6.14 24.05 15.94
C ILE B 192 6.34 23.04 17.07
N PRO B 193 7.17 23.35 18.10
CA PRO B 193 7.44 22.42 19.19
C PRO B 193 6.14 22.02 19.90
N GLU B 194 6.05 20.71 20.17
CA GLU B 194 4.88 20.07 20.73
C GLU B 194 5.02 19.90 22.24
N VAL B 195 3.95 19.39 22.86
CA VAL B 195 4.05 18.85 24.20
C VAL B 195 3.33 17.49 24.25
N ALA C 3 -6.07 -32.12 -2.03
CA ALA C 3 -6.47 -30.70 -2.22
C ALA C 3 -5.49 -29.74 -1.54
N GLU C 4 -4.27 -30.21 -1.24
CA GLU C 4 -3.32 -29.50 -0.39
C GLU C 4 -1.88 -29.81 -0.84
N ILE C 5 -0.96 -28.86 -0.61
CA ILE C 5 0.37 -28.86 -1.22
C ILE C 5 1.27 -29.93 -0.60
N LYS C 6 2.22 -30.44 -1.40
CA LYS C 6 3.19 -31.45 -1.00
C LYS C 6 4.59 -30.97 -1.39
N GLN C 7 5.56 -31.17 -0.47
CA GLN C 7 6.96 -30.88 -0.73
C GLN C 7 7.68 -32.19 -1.04
N GLY C 8 7.16 -32.81 -2.09
CA GLY C 8 7.51 -34.15 -2.50
C GLY C 8 7.18 -34.35 -3.97
N ILE C 9 7.91 -35.31 -4.55
CA ILE C 9 8.00 -35.53 -5.97
C ILE C 9 7.42 -36.91 -6.27
N ARG C 10 6.33 -36.97 -7.07
CA ARG C 10 5.72 -38.25 -7.44
C ARG C 10 5.84 -38.47 -8.96
N GLU C 11 5.57 -39.72 -9.37
CA GLU C 11 5.67 -40.16 -10.76
C GLU C 11 4.27 -40.51 -11.24
N VAL C 12 3.96 -40.23 -12.51
CA VAL C 12 2.65 -40.58 -13.06
C VAL C 12 2.82 -41.28 -14.41
N ILE C 13 2.07 -42.38 -14.54
CA ILE C 13 2.00 -43.20 -15.75
C ILE C 13 0.78 -42.73 -16.54
N LEU C 14 0.95 -42.56 -17.86
CA LEU C 14 -0.12 -42.00 -18.66
C LEU C 14 -0.25 -42.81 -19.96
N CYS C 15 -1.47 -42.82 -20.51
CA CYS C 15 -1.73 -43.31 -21.86
C CYS C 15 -2.54 -42.25 -22.63
N LYS C 16 -2.20 -42.04 -23.90
CA LYS C 16 -2.92 -41.10 -24.76
C LYS C 16 -4.34 -41.58 -24.97
N ASP C 17 -5.30 -40.64 -25.09
CA ASP C 17 -6.70 -41.01 -25.26
C ASP C 17 -6.95 -41.41 -26.71
N GLN C 18 -8.24 -41.44 -27.08
CA GLN C 18 -8.73 -41.95 -28.35
C GLN C 18 -8.09 -41.15 -29.48
N ASP C 19 -8.14 -39.82 -29.34
CA ASP C 19 -7.62 -38.89 -30.31
C ASP C 19 -6.11 -38.70 -30.12
N GLY C 20 -5.47 -39.54 -29.29
CA GLY C 20 -4.03 -39.55 -29.08
C GLY C 20 -3.52 -38.36 -28.27
N LYS C 21 -4.42 -37.68 -27.56
CA LYS C 21 -4.09 -36.58 -26.66
C LYS C 21 -4.00 -37.08 -25.21
N ILE C 22 -3.45 -36.22 -24.33
CA ILE C 22 -3.54 -36.37 -22.88
C ILE C 22 -4.32 -35.21 -22.27
N GLY C 23 -4.40 -34.11 -23.00
CA GLY C 23 -5.19 -32.97 -22.54
C GLY C 23 -4.42 -32.13 -21.53
N LEU C 24 -3.25 -31.65 -21.97
CA LEU C 24 -2.37 -30.80 -21.18
C LEU C 24 -1.89 -29.63 -22.03
N ARG C 25 -1.81 -28.44 -21.39
CA ARG C 25 -0.97 -27.36 -21.88
C ARG C 25 0.18 -27.11 -20.91
N LEU C 26 1.41 -27.00 -21.46
CA LEU C 26 2.62 -26.82 -20.69
C LEU C 26 3.29 -25.47 -20.98
N LYS C 27 3.91 -24.85 -19.94
CA LYS C 27 4.48 -23.53 -20.06
C LYS C 27 5.87 -23.45 -19.43
N SER C 28 6.78 -22.73 -20.11
CA SER C 28 8.12 -22.45 -19.61
C SER C 28 8.04 -21.34 -18.58
N ILE C 29 8.67 -21.59 -17.43
CA ILE C 29 8.80 -20.61 -16.36
C ILE C 29 10.14 -20.82 -15.64
N ASP C 30 11.07 -19.87 -15.74
CA ASP C 30 12.25 -19.83 -14.86
C ASP C 30 13.03 -21.13 -15.03
N ASN C 31 13.11 -21.60 -16.28
CA ASN C 31 13.83 -22.77 -16.73
C ASN C 31 13.31 -24.08 -16.14
N GLY C 32 12.03 -24.08 -15.75
CA GLY C 32 11.27 -25.31 -15.58
C GLY C 32 9.98 -25.29 -16.41
N ILE C 33 9.36 -26.47 -16.52
CA ILE C 33 8.11 -26.63 -17.26
C ILE C 33 6.97 -26.89 -16.29
N PHE C 34 5.83 -26.26 -16.56
CA PHE C 34 4.68 -26.33 -15.68
C PHE C 34 3.36 -26.42 -16.43
N VAL C 35 2.38 -27.08 -15.79
CA VAL C 35 1.03 -27.25 -16.31
C VAL C 35 0.30 -25.90 -16.36
N GLN C 36 -0.08 -25.50 -17.58
CA GLN C 36 -0.80 -24.27 -17.89
C GLN C 36 -2.31 -24.53 -17.99
N LEU C 37 -2.66 -25.74 -18.42
CA LEU C 37 -4.06 -26.15 -18.43
C LEU C 37 -4.13 -27.67 -18.46
N VAL C 38 -5.18 -28.20 -17.80
CA VAL C 38 -5.58 -29.60 -17.88
C VAL C 38 -7.03 -29.61 -18.37
N GLN C 39 -7.33 -30.39 -19.42
CA GLN C 39 -8.69 -30.51 -19.94
C GLN C 39 -9.53 -31.39 -19.01
N ALA C 40 -10.78 -31.00 -18.73
CA ALA C 40 -11.67 -31.87 -17.97
C ALA C 40 -11.85 -33.19 -18.72
N ASN C 41 -11.88 -34.29 -17.96
N ASN C 41 -12.11 -34.26 -17.96
CA ASN C 41 -12.16 -35.62 -18.50
CA ASN C 41 -12.08 -35.64 -18.45
C ASN C 41 -10.99 -36.12 -19.36
C ASN C 41 -11.08 -35.74 -19.60
N SER C 42 -9.82 -35.48 -19.25
CA SER C 42 -8.66 -35.89 -20.02
C SER C 42 -7.97 -37.01 -19.26
N PRO C 43 -7.09 -37.79 -19.91
CA PRO C 43 -6.15 -38.66 -19.18
C PRO C 43 -5.24 -37.95 -18.19
N ALA C 44 -5.22 -36.61 -18.22
CA ALA C 44 -4.40 -35.80 -17.33
C ALA C 44 -5.18 -35.41 -16.07
N SER C 45 -6.44 -35.05 -16.23
CA SER C 45 -7.32 -34.76 -15.09
C SER C 45 -7.45 -36.02 -14.24
N LEU C 46 -7.70 -37.12 -14.96
CA LEU C 46 -8.06 -38.39 -14.34
C LEU C 46 -6.94 -38.87 -13.44
N VAL C 47 -5.70 -38.69 -13.89
CA VAL C 47 -4.56 -39.30 -13.21
C VAL C 47 -4.06 -38.39 -12.08
N GLY C 48 -4.51 -37.12 -12.04
CA GLY C 48 -4.21 -36.23 -10.92
C GLY C 48 -3.46 -34.94 -11.28
N LEU C 49 -2.94 -34.79 -12.50
CA LEU C 49 -2.24 -33.56 -12.85
C LEU C 49 -3.18 -32.39 -12.62
N ARG C 50 -2.62 -31.30 -12.08
CA ARG C 50 -3.37 -30.10 -11.74
C ARG C 50 -2.66 -28.88 -12.32
N PHE C 51 -3.42 -27.79 -12.46
CA PHE C 51 -2.84 -26.50 -12.83
C PHE C 51 -1.64 -26.22 -11.94
N GLY C 52 -0.53 -25.82 -12.52
CA GLY C 52 0.53 -25.21 -11.75
C GLY C 52 1.54 -26.23 -11.24
N ASP C 53 1.27 -27.50 -11.53
CA ASP C 53 2.20 -28.59 -11.35
C ASP C 53 3.45 -28.37 -12.21
N GLN C 54 4.56 -29.00 -11.80
CA GLN C 54 5.86 -28.86 -12.46
C GLN C 54 6.32 -30.22 -12.94
N VAL C 55 6.64 -30.33 -14.23
CA VAL C 55 7.11 -31.54 -14.87
C VAL C 55 8.64 -31.55 -14.94
N LEU C 56 9.27 -32.41 -14.14
CA LEU C 56 10.71 -32.40 -14.03
C LEU C 56 11.31 -33.31 -15.11
N GLN C 57 10.59 -34.39 -15.42
CA GLN C 57 11.01 -35.37 -16.41
C GLN C 57 9.80 -35.87 -17.18
N ILE C 58 10.08 -36.41 -18.38
CA ILE C 58 9.08 -37.04 -19.24
C ILE C 58 9.78 -38.25 -19.88
N ASN C 59 9.19 -39.43 -19.67
CA ASN C 59 9.85 -40.69 -19.98
C ASN C 59 11.31 -40.61 -19.57
N GLY C 60 11.55 -39.95 -18.43
CA GLY C 60 12.82 -40.09 -17.70
C GLY C 60 13.92 -39.20 -18.27
N GLU C 61 13.52 -38.03 -18.79
CA GLU C 61 14.41 -37.01 -19.32
C GLU C 61 14.11 -35.69 -18.64
N ASN C 62 15.16 -34.93 -18.30
CA ASN C 62 15.00 -33.70 -17.56
C ASN C 62 14.28 -32.69 -18.46
N CYS C 63 13.42 -31.86 -17.86
CA CYS C 63 12.70 -30.84 -18.59
C CYS C 63 13.36 -29.48 -18.47
N ALA C 64 14.32 -29.33 -17.54
CA ALA C 64 15.04 -28.08 -17.37
C ALA C 64 15.49 -27.52 -18.73
N GLY C 65 15.05 -26.29 -19.01
CA GLY C 65 15.60 -25.53 -20.12
C GLY C 65 14.63 -25.46 -21.30
N TRP C 66 13.79 -26.50 -21.40
CA TRP C 66 12.87 -26.69 -22.49
C TRP C 66 12.01 -25.44 -22.72
N SER C 67 11.80 -25.17 -24.02
CA SER C 67 10.69 -24.34 -24.44
C SER C 67 9.39 -25.11 -24.22
N SER C 68 8.30 -24.37 -23.99
CA SER C 68 6.96 -24.86 -24.19
C SER C 68 6.83 -25.72 -25.45
N ASP C 69 7.38 -25.22 -26.57
CA ASP C 69 7.33 -25.92 -27.86
C ASP C 69 7.98 -27.29 -27.76
N LYS C 70 9.17 -27.35 -27.14
CA LYS C 70 9.90 -28.60 -27.09
C LYS C 70 9.20 -29.58 -26.15
N ALA C 71 8.45 -29.04 -25.18
CA ALA C 71 7.69 -29.89 -24.27
C ALA C 71 6.59 -30.61 -25.05
N HIS C 72 5.79 -29.82 -25.76
CA HIS C 72 4.67 -30.37 -26.52
C HIS C 72 5.17 -31.38 -27.55
N LYS C 73 6.19 -30.98 -28.32
CA LYS C 73 6.67 -31.81 -29.41
C LYS C 73 7.02 -33.20 -28.85
N VAL C 74 7.83 -33.25 -27.78
CA VAL C 74 8.24 -34.51 -27.17
C VAL C 74 7.02 -35.38 -26.89
N LEU C 75 6.02 -34.80 -26.22
CA LEU C 75 4.78 -35.53 -25.98
C LEU C 75 4.16 -36.00 -27.31
N LYS C 76 3.89 -35.08 -28.26
CA LYS C 76 3.28 -35.46 -29.54
C LYS C 76 4.00 -36.65 -30.17
N GLN C 77 5.32 -36.74 -29.96
CA GLN C 77 6.17 -37.73 -30.61
C GLN C 77 6.27 -39.01 -29.81
N ALA C 78 5.72 -39.00 -28.58
CA ALA C 78 5.84 -40.12 -27.67
C ALA C 78 4.69 -41.10 -27.90
N PHE C 79 5.03 -42.32 -28.32
CA PHE C 79 4.00 -43.30 -28.60
C PHE C 79 4.20 -44.48 -27.66
N GLY C 80 5.46 -44.91 -27.51
CA GLY C 80 5.89 -45.77 -26.43
C GLY C 80 4.82 -46.76 -26.01
N GLU C 81 3.91 -46.32 -25.12
CA GLU C 81 2.83 -47.15 -24.59
C GLU C 81 2.34 -46.49 -23.29
N LYS C 82 3.25 -46.43 -22.30
CA LYS C 82 3.07 -45.61 -21.11
C LYS C 82 3.90 -44.34 -21.28
N ILE C 83 3.34 -43.22 -20.81
CA ILE C 83 4.06 -41.96 -20.67
C ILE C 83 4.31 -41.70 -19.18
N THR C 84 5.58 -41.83 -18.76
CA THR C 84 6.00 -41.50 -17.41
C THR C 84 6.32 -40.00 -17.34
N MET C 85 5.68 -39.28 -16.42
CA MET C 85 6.09 -37.94 -16.03
C MET C 85 6.42 -37.93 -14.54
N THR C 86 7.45 -37.17 -14.17
CA THR C 86 7.76 -36.95 -12.77
C THR C 86 7.39 -35.51 -12.39
N ILE C 87 6.65 -35.38 -11.27
CA ILE C 87 5.90 -34.18 -10.91
C ILE C 87 6.31 -33.67 -9.52
N ARG C 88 6.44 -32.34 -9.40
CA ARG C 88 6.42 -31.65 -8.11
C ARG C 88 5.12 -30.88 -7.98
N ASP C 89 4.50 -30.94 -6.80
CA ASP C 89 3.16 -30.49 -6.58
C ASP C 89 3.16 -28.98 -6.39
N ARG C 90 2.39 -28.31 -7.26
CA ARG C 90 2.06 -26.90 -7.26
C ARG C 90 3.01 -26.04 -6.43
N PRO C 91 4.27 -25.92 -6.88
CA PRO C 91 5.32 -25.29 -6.08
C PRO C 91 5.20 -23.79 -5.87
N PHE C 92 4.37 -23.12 -6.68
CA PHE C 92 4.17 -21.69 -6.53
C PHE C 92 2.94 -21.41 -5.69
N GLU C 93 2.25 -22.46 -5.21
CA GLU C 93 0.98 -22.25 -4.58
C GLU C 93 1.09 -22.64 -3.12
N ARG C 94 0.22 -22.03 -2.30
N ARG C 94 0.19 -22.08 -2.31
CA ARG C 94 -0.03 -22.39 -0.91
CA ARG C 94 -0.03 -22.48 -0.93
C ARG C 94 -1.54 -22.42 -0.67
C ARG C 94 -1.52 -22.38 -0.62
N THR C 95 -2.00 -23.31 0.22
CA THR C 95 -3.40 -23.38 0.60
C THR C 95 -3.56 -22.80 1.99
N ILE C 96 -4.57 -21.92 2.13
CA ILE C 96 -4.93 -21.28 3.38
C ILE C 96 -6.32 -21.78 3.77
N THR C 97 -6.46 -22.16 5.05
CA THR C 97 -7.73 -22.63 5.57
C THR C 97 -8.34 -21.61 6.54
N MET C 98 -9.61 -21.26 6.31
CA MET C 98 -10.26 -20.16 7.00
C MET C 98 -11.65 -20.60 7.47
N HIS C 99 -12.20 -19.91 8.47
CA HIS C 99 -13.52 -20.20 9.03
C HIS C 99 -14.43 -18.99 8.80
N LYS C 100 -15.66 -19.22 8.31
CA LYS C 100 -16.58 -18.10 8.09
C LYS C 100 -17.03 -17.54 9.44
N ASP C 101 -17.31 -16.23 9.50
CA ASP C 101 -18.03 -15.61 10.60
C ASP C 101 -19.50 -16.07 10.59
N SER C 102 -20.31 -15.52 11.51
CA SER C 102 -21.73 -15.86 11.58
C SER C 102 -22.43 -15.62 10.24
N THR C 103 -22.09 -14.49 9.59
CA THR C 103 -22.76 -14.06 8.38
C THR C 103 -22.40 -14.96 7.19
N GLY C 104 -21.30 -15.71 7.31
CA GLY C 104 -20.86 -16.60 6.24
C GLY C 104 -19.84 -15.90 5.35
N HIS C 105 -18.99 -15.08 5.98
CA HIS C 105 -17.95 -14.31 5.32
C HIS C 105 -16.59 -14.83 5.75
N VAL C 106 -15.69 -15.02 4.77
CA VAL C 106 -14.31 -15.43 5.05
C VAL C 106 -13.48 -14.20 5.44
N GLY C 107 -13.61 -13.14 4.65
CA GLY C 107 -13.16 -11.81 5.00
C GLY C 107 -12.23 -11.21 3.95
N PHE C 108 -12.48 -11.52 2.67
CA PHE C 108 -11.71 -10.87 1.61
C PHE C 108 -12.56 -10.51 0.38
N ILE C 109 -11.91 -9.78 -0.54
CA ILE C 109 -12.54 -9.18 -1.69
C ILE C 109 -11.60 -9.37 -2.88
N PHE C 110 -12.17 -9.57 -4.08
CA PHE C 110 -11.37 -10.08 -5.19
C PHE C 110 -12.00 -9.77 -6.55
N LYS C 111 -11.15 -9.40 -7.51
CA LYS C 111 -11.52 -8.96 -8.84
C LYS C 111 -10.78 -9.79 -9.88
N ASN C 112 -11.47 -10.29 -10.89
CA ASN C 112 -10.86 -11.18 -11.86
C ASN C 112 -10.13 -12.32 -11.14
N GLY C 113 -10.66 -12.73 -9.98
CA GLY C 113 -10.20 -13.93 -9.29
C GLY C 113 -8.86 -13.73 -8.58
N LYS C 114 -8.65 -12.53 -8.03
CA LYS C 114 -7.38 -12.10 -7.47
C LYS C 114 -7.67 -11.21 -6.28
N ILE C 115 -7.05 -11.52 -5.15
CA ILE C 115 -7.48 -10.97 -3.89
C ILE C 115 -6.98 -9.54 -3.81
N THR C 116 -7.81 -8.63 -3.29
CA THR C 116 -7.48 -7.22 -3.38
C THR C 116 -7.65 -6.49 -2.05
N SER C 117 -8.33 -7.08 -1.06
CA SER C 117 -8.13 -6.61 0.31
C SER C 117 -8.68 -7.61 1.32
N ILE C 118 -8.22 -7.46 2.56
CA ILE C 118 -8.47 -8.36 3.65
C ILE C 118 -9.22 -7.55 4.71
N VAL C 119 -10.30 -8.13 5.23
CA VAL C 119 -11.12 -7.48 6.24
C VAL C 119 -10.43 -7.60 7.59
N LYS C 120 -10.33 -6.48 8.30
CA LYS C 120 -9.72 -6.45 9.62
C LYS C 120 -10.52 -7.34 10.56
N ASP C 121 -9.80 -8.21 11.29
CA ASP C 121 -10.39 -9.17 12.20
C ASP C 121 -11.37 -10.09 11.47
N SER C 122 -11.03 -10.50 10.24
CA SER C 122 -11.66 -11.68 9.65
C SER C 122 -10.78 -12.89 9.90
N SER C 123 -11.21 -14.05 9.39
CA SER C 123 -10.35 -15.22 9.36
C SER C 123 -9.36 -15.14 8.20
N ALA C 124 -9.63 -14.26 7.23
CA ALA C 124 -8.64 -13.96 6.21
C ALA C 124 -7.41 -13.34 6.89
N ALA C 125 -7.66 -12.34 7.75
CA ALA C 125 -6.58 -11.63 8.41
C ALA C 125 -5.85 -12.52 9.42
N ARG C 126 -6.61 -13.33 10.18
CA ARG C 126 -6.07 -14.13 11.27
C ARG C 126 -5.14 -15.23 10.77
N ASN C 127 -5.45 -15.78 9.58
CA ASN C 127 -4.57 -16.74 8.92
C ASN C 127 -3.65 -16.11 7.86
N GLY C 128 -3.52 -14.78 7.80
CA GLY C 128 -2.54 -14.13 6.96
C GLY C 128 -2.72 -14.38 5.46
N LEU C 129 -3.98 -14.42 4.99
CA LEU C 129 -4.28 -14.40 3.57
C LEU C 129 -3.77 -13.09 2.97
N LEU C 130 -3.25 -13.13 1.75
CA LEU C 130 -2.56 -11.96 1.22
C LEU C 130 -3.28 -11.39 0.00
N THR C 131 -3.00 -10.10 -0.26
CA THR C 131 -3.46 -9.43 -1.47
C THR C 131 -2.49 -9.72 -2.59
N GLU C 132 -2.93 -9.50 -3.83
CA GLU C 132 -2.11 -9.67 -5.01
C GLU C 132 -1.78 -11.16 -5.24
N HIS C 133 -2.71 -12.03 -4.85
CA HIS C 133 -2.61 -13.46 -5.11
C HIS C 133 -3.87 -13.90 -5.89
N ASN C 134 -3.70 -14.71 -6.92
CA ASN C 134 -4.81 -15.30 -7.67
C ASN C 134 -5.31 -16.62 -7.08
N ILE C 135 -6.63 -16.73 -6.86
CA ILE C 135 -7.28 -17.95 -6.39
C ILE C 135 -7.20 -18.99 -7.49
N CYS C 136 -6.57 -20.14 -7.19
CA CYS C 136 -6.40 -21.22 -8.14
C CYS C 136 -7.43 -22.31 -7.88
N GLU C 137 -7.63 -22.56 -6.58
CA GLU C 137 -8.50 -23.63 -6.16
C GLU C 137 -9.29 -23.16 -4.95
N ILE C 138 -10.48 -23.76 -4.79
CA ILE C 138 -11.23 -23.78 -3.55
C ILE C 138 -11.55 -25.22 -3.20
N ASN C 139 -11.21 -25.62 -1.96
CA ASN C 139 -11.37 -26.97 -1.47
C ASN C 139 -10.97 -27.94 -2.57
N GLY C 140 -9.79 -27.74 -3.14
CA GLY C 140 -9.26 -28.67 -4.12
C GLY C 140 -9.95 -28.57 -5.47
N GLN C 141 -10.83 -27.59 -5.66
CA GLN C 141 -11.49 -27.43 -6.94
C GLN C 141 -10.87 -26.24 -7.67
N ASN C 142 -10.23 -26.53 -8.80
CA ASN C 142 -9.78 -25.52 -9.74
C ASN C 142 -10.93 -24.56 -10.06
N VAL C 143 -10.72 -23.26 -9.85
CA VAL C 143 -11.70 -22.28 -10.28
C VAL C 143 -11.11 -21.33 -11.33
N ILE C 144 -10.21 -21.81 -12.19
CA ILE C 144 -9.46 -20.88 -13.01
C ILE C 144 -10.17 -20.67 -14.35
N GLY C 145 -10.71 -19.45 -14.52
CA GLY C 145 -11.55 -19.09 -15.65
C GLY C 145 -12.89 -18.51 -15.17
N LEU C 146 -13.51 -19.20 -14.22
CA LEU C 146 -14.85 -18.88 -13.73
C LEU C 146 -14.96 -17.40 -13.37
N LYS C 147 -16.11 -16.80 -13.65
CA LYS C 147 -16.36 -15.39 -13.35
C LYS C 147 -16.31 -15.19 -11.84
N ASP C 148 -16.11 -13.94 -11.42
CA ASP C 148 -16.16 -13.62 -10.01
C ASP C 148 -17.46 -14.19 -9.42
N SER C 149 -18.54 -14.16 -10.21
CA SER C 149 -19.86 -14.57 -9.73
C SER C 149 -19.88 -16.07 -9.41
N GLN C 150 -19.32 -16.91 -10.30
CA GLN C 150 -19.32 -18.34 -10.08
C GLN C 150 -18.51 -18.64 -8.82
N ILE C 151 -17.31 -18.04 -8.79
CA ILE C 151 -16.37 -18.21 -7.70
C ILE C 151 -17.08 -17.95 -6.38
N ALA C 152 -17.70 -16.78 -6.22
CA ALA C 152 -18.30 -16.40 -4.96
C ALA C 152 -19.52 -17.29 -4.60
N ASP C 153 -20.13 -17.94 -5.59
CA ASP C 153 -21.26 -18.81 -5.30
C ASP C 153 -20.73 -20.08 -4.67
N ILE C 154 -19.53 -20.49 -5.12
CA ILE C 154 -18.82 -21.62 -4.57
C ILE C 154 -18.36 -21.28 -3.16
N LEU C 155 -18.02 -20.02 -2.92
CA LEU C 155 -17.67 -19.59 -1.59
C LEU C 155 -18.87 -19.74 -0.67
N SER C 156 -20.05 -19.34 -1.17
CA SER C 156 -21.28 -19.52 -0.41
C SER C 156 -21.48 -21.00 -0.12
N THR C 157 -21.34 -21.83 -1.16
CA THR C 157 -21.75 -23.23 -1.12
C THR C 157 -20.66 -24.14 -0.54
N SER C 158 -19.48 -23.59 -0.22
CA SER C 158 -18.61 -24.31 0.71
C SER C 158 -19.28 -24.27 2.07
N GLY C 159 -18.65 -24.97 3.02
CA GLY C 159 -19.14 -25.04 4.38
C GLY C 159 -18.67 -23.84 5.18
N THR C 160 -18.53 -24.03 6.50
CA THR C 160 -17.92 -23.03 7.37
C THR C 160 -16.43 -22.87 7.05
N VAL C 161 -15.80 -24.00 6.68
CA VAL C 161 -14.36 -24.14 6.65
C VAL C 161 -13.89 -24.19 5.20
N VAL C 162 -13.34 -23.07 4.72
CA VAL C 162 -12.98 -22.91 3.32
C VAL C 162 -11.45 -22.93 3.17
N THR C 163 -10.95 -23.68 2.19
CA THR C 163 -9.53 -23.75 1.89
C THR C 163 -9.27 -23.13 0.52
N ILE C 164 -8.44 -22.09 0.47
CA ILE C 164 -8.12 -21.41 -0.78
C ILE C 164 -6.67 -21.68 -1.16
N THR C 165 -6.45 -22.16 -2.39
CA THR C 165 -5.13 -22.30 -2.94
C THR C 165 -4.79 -21.04 -3.71
N ILE C 166 -3.77 -20.31 -3.26
CA ILE C 166 -3.40 -19.06 -3.89
C ILE C 166 -2.00 -19.15 -4.51
N MET C 167 -1.72 -18.19 -5.39
CA MET C 167 -0.52 -18.13 -6.19
C MET C 167 -0.21 -16.66 -6.40
N PRO C 168 1.02 -16.15 -6.12
CA PRO C 168 1.32 -14.74 -6.30
C PRO C 168 0.87 -14.28 -7.69
N ALA C 169 0.13 -13.16 -7.74
CA ALA C 169 -0.42 -12.64 -8.99
C ALA C 169 0.55 -12.71 -10.15
N PHE C 170 1.79 -12.25 -9.96
N PHE C 170 1.79 -12.23 -9.95
CA PHE C 170 2.68 -12.04 -11.09
CA PHE C 170 2.75 -12.04 -11.03
C PHE C 170 3.14 -13.38 -11.64
C PHE C 170 3.09 -13.39 -11.65
N ILE C 171 3.13 -14.43 -10.82
CA ILE C 171 3.52 -15.76 -11.29
C ILE C 171 2.31 -16.35 -11.99
N PHE C 172 1.11 -16.04 -11.50
CA PHE C 172 -0.11 -16.46 -12.17
C PHE C 172 -0.18 -15.85 -13.57
N GLU C 173 -0.02 -14.52 -13.67
CA GLU C 173 -0.13 -13.85 -14.97
C GLU C 173 0.94 -14.37 -15.92
N HIS C 174 2.10 -14.76 -15.38
CA HIS C 174 3.12 -15.35 -16.23
C HIS C 174 2.59 -16.67 -16.79
N ILE C 175 2.09 -17.55 -15.91
CA ILE C 175 1.73 -18.92 -16.31
C ILE C 175 0.64 -18.92 -17.40
N ILE C 176 -0.31 -17.98 -17.36
CA ILE C 176 -1.44 -18.04 -18.28
C ILE C 176 -1.18 -17.32 -19.61
N LYS C 177 -0.01 -16.69 -19.77
CA LYS C 177 0.46 -16.22 -21.07
C LYS C 177 0.56 -17.41 -22.03
N ARG C 178 0.54 -17.11 -23.35
CA ARG C 178 0.57 -18.10 -24.42
C ARG C 178 -0.76 -18.84 -24.52
N MET C 179 -1.82 -18.17 -24.05
CA MET C 179 -3.13 -18.81 -23.93
C MET C 179 -4.15 -17.71 -23.67
N ALA C 180 -5.19 -17.69 -24.52
CA ALA C 180 -6.14 -16.59 -24.59
C ALA C 180 -7.29 -16.85 -23.62
N PRO C 181 -7.81 -15.81 -22.92
CA PRO C 181 -8.85 -16.00 -21.90
C PRO C 181 -10.10 -16.76 -22.37
N SER C 182 -10.34 -16.77 -23.69
CA SER C 182 -11.46 -17.53 -24.24
C SER C 182 -11.25 -19.03 -24.04
N ILE C 183 -10.03 -19.51 -24.35
CA ILE C 183 -9.75 -20.94 -24.37
C ILE C 183 -9.62 -21.45 -22.94
N MET C 184 -9.18 -20.57 -22.03
CA MET C 184 -8.81 -20.96 -20.68
C MET C 184 -10.08 -21.33 -19.94
N LYS C 185 -11.03 -20.39 -19.88
CA LYS C 185 -12.30 -20.64 -19.22
C LYS C 185 -12.97 -21.86 -19.87
N SER C 186 -12.80 -21.98 -21.19
CA SER C 186 -13.45 -23.00 -21.99
C SER C 186 -13.13 -24.41 -21.53
N LEU C 187 -11.84 -24.78 -21.50
CA LEU C 187 -11.38 -26.17 -21.42
C LEU C 187 -10.96 -26.57 -20.00
N MET C 188 -10.48 -25.58 -19.23
CA MET C 188 -9.78 -25.80 -17.98
C MET C 188 -10.58 -26.71 -17.04
N ASP C 189 -10.01 -27.88 -16.74
CA ASP C 189 -10.61 -28.80 -15.78
C ASP C 189 -11.10 -28.04 -14.56
N HIS C 190 -12.36 -28.24 -14.21
CA HIS C 190 -12.94 -27.76 -12.96
C HIS C 190 -13.72 -28.90 -12.30
N THR C 191 -13.34 -30.14 -12.69
CA THR C 191 -13.76 -31.40 -12.08
C THR C 191 -13.90 -31.25 -10.57
N ILE C 192 -14.65 -32.18 -9.97
CA ILE C 192 -14.48 -32.51 -8.57
C ILE C 192 -14.13 -33.99 -8.49
N PRO C 193 -12.88 -34.36 -8.14
CA PRO C 193 -12.42 -35.72 -8.39
C PRO C 193 -13.14 -36.73 -7.48
N GLU C 194 -13.13 -36.43 -6.17
CA GLU C 194 -13.69 -37.30 -5.16
C GLU C 194 -14.54 -36.44 -4.23
N VAL C 195 -15.38 -37.09 -3.43
CA VAL C 195 -16.02 -36.41 -2.32
C VAL C 195 -15.86 -37.31 -1.08
N ILE D 5 -39.14 10.49 -6.75
CA ILE D 5 -39.75 11.39 -7.77
C ILE D 5 -41.27 11.40 -7.56
N LYS D 6 -41.76 12.35 -6.74
CA LYS D 6 -43.15 12.37 -6.30
C LYS D 6 -43.97 13.35 -7.13
N GLN D 7 -44.73 12.81 -8.09
CA GLN D 7 -45.72 13.60 -8.83
C GLN D 7 -46.65 14.32 -7.86
N GLY D 8 -47.25 15.41 -8.34
CA GLY D 8 -47.81 16.41 -7.44
C GLY D 8 -46.76 17.48 -7.14
N ILE D 9 -47.23 18.53 -6.44
CA ILE D 9 -46.55 19.82 -6.38
C ILE D 9 -46.23 20.13 -4.91
N ARG D 10 -44.99 20.58 -4.63
CA ARG D 10 -44.54 20.84 -3.28
C ARG D 10 -44.22 22.33 -3.09
N GLU D 11 -45.11 23.04 -2.39
CA GLU D 11 -44.84 24.41 -1.93
C GLU D 11 -43.73 24.41 -0.88
N VAL D 12 -42.87 25.43 -0.94
CA VAL D 12 -41.85 25.63 0.08
C VAL D 12 -41.80 27.08 0.52
N ILE D 13 -41.34 27.28 1.77
CA ILE D 13 -41.12 28.58 2.38
C ILE D 13 -39.73 28.59 3.01
N LEU D 14 -38.96 29.62 2.69
CA LEU D 14 -37.54 29.67 2.97
C LEU D 14 -37.16 31.15 3.13
N CYS D 15 -35.98 31.37 3.70
CA CYS D 15 -35.51 32.73 4.00
C CYS D 15 -34.08 32.88 3.51
N LYS D 16 -33.73 34.10 3.11
CA LYS D 16 -32.38 34.39 2.66
C LYS D 16 -31.42 34.14 3.82
N ASP D 17 -30.13 34.02 3.52
CA ASP D 17 -29.12 33.98 4.57
C ASP D 17 -28.59 35.40 4.75
N GLN D 18 -27.44 35.55 5.43
CA GLN D 18 -26.92 36.85 5.83
C GLN D 18 -26.37 37.63 4.64
N ASP D 19 -25.93 36.94 3.57
CA ASP D 19 -25.40 37.61 2.38
C ASP D 19 -26.52 37.87 1.39
N GLY D 20 -27.74 37.47 1.79
CA GLY D 20 -28.97 37.65 1.02
C GLY D 20 -29.16 36.58 -0.05
N LYS D 21 -28.63 35.37 0.18
CA LYS D 21 -28.63 34.31 -0.83
C LYS D 21 -29.69 33.27 -0.46
N ILE D 22 -30.31 32.67 -1.48
CA ILE D 22 -31.13 31.48 -1.28
C ILE D 22 -30.23 30.25 -1.45
N GLY D 23 -29.12 30.42 -2.19
CA GLY D 23 -28.27 29.30 -2.59
C GLY D 23 -28.94 28.41 -3.64
N LEU D 24 -29.37 29.03 -4.77
CA LEU D 24 -29.80 28.35 -5.99
C LEU D 24 -29.04 28.92 -7.18
N ARG D 25 -28.92 28.09 -8.24
CA ARG D 25 -28.81 28.59 -9.60
C ARG D 25 -29.98 28.06 -10.44
N LEU D 26 -30.20 28.68 -11.60
CA LEU D 26 -31.38 28.38 -12.39
C LEU D 26 -31.02 28.37 -13.87
N LYS D 27 -31.76 27.56 -14.63
CA LYS D 27 -31.60 27.55 -16.08
C LYS D 27 -32.98 27.46 -16.71
N SER D 28 -33.14 28.20 -17.85
CA SER D 28 -34.34 28.11 -18.68
C SER D 28 -34.25 26.87 -19.55
N ILE D 29 -35.34 26.09 -19.55
CA ILE D 29 -35.45 24.90 -20.38
C ILE D 29 -36.89 24.73 -20.82
N ASP D 30 -37.11 24.72 -22.15
CA ASP D 30 -38.40 24.49 -22.75
C ASP D 30 -39.49 25.38 -22.14
N ASN D 31 -39.12 26.65 -21.78
CA ASN D 31 -40.01 27.64 -21.18
C ASN D 31 -40.42 27.26 -19.75
N GLY D 32 -39.72 26.28 -19.18
CA GLY D 32 -39.70 26.09 -17.74
C GLY D 32 -38.48 26.76 -17.13
N ILE D 33 -38.49 26.89 -15.80
CA ILE D 33 -37.29 27.18 -15.03
C ILE D 33 -36.96 25.96 -14.16
N PHE D 34 -35.68 25.62 -14.11
CA PHE D 34 -35.23 24.41 -13.43
C PHE D 34 -33.93 24.67 -12.68
N VAL D 35 -33.84 24.05 -11.49
CA VAL D 35 -32.69 24.21 -10.62
C VAL D 35 -31.52 23.49 -11.28
N GLN D 36 -30.56 24.28 -11.72
CA GLN D 36 -29.29 23.76 -12.18
C GLN D 36 -28.41 23.40 -10.96
N LEU D 37 -28.74 23.91 -9.76
CA LEU D 37 -27.84 23.79 -8.61
C LEU D 37 -28.53 24.07 -7.28
N VAL D 38 -28.41 23.14 -6.33
CA VAL D 38 -28.70 23.43 -4.91
C VAL D 38 -27.36 23.60 -4.21
N GLN D 39 -27.24 24.59 -3.31
CA GLN D 39 -26.01 24.79 -2.55
C GLN D 39 -26.02 24.01 -1.23
N ALA D 40 -24.86 23.41 -0.94
CA ALA D 40 -24.52 22.91 0.38
C ALA D 40 -24.72 24.05 1.37
N ASN D 41 -25.56 23.80 2.38
CA ASN D 41 -25.79 24.76 3.45
C ASN D 41 -26.62 25.95 2.97
N SER D 42 -27.19 25.89 1.75
CA SER D 42 -28.14 26.90 1.31
C SER D 42 -29.46 26.73 2.07
N PRO D 43 -30.15 27.84 2.37
CA PRO D 43 -31.54 27.76 2.85
C PRO D 43 -32.42 26.96 1.88
N ALA D 44 -32.01 26.93 0.60
CA ALA D 44 -32.61 26.03 -0.39
C ALA D 44 -32.45 24.60 0.08
N SER D 45 -31.20 24.13 0.24
CA SER D 45 -30.93 22.77 0.69
C SER D 45 -31.85 22.47 1.88
N LEU D 46 -31.53 23.10 3.03
CA LEU D 46 -32.28 22.96 4.27
C LEU D 46 -33.79 22.70 4.06
N VAL D 47 -34.51 23.46 3.20
CA VAL D 47 -35.96 23.22 3.04
C VAL D 47 -36.24 22.14 1.97
N GLY D 48 -35.24 21.60 1.29
CA GLY D 48 -35.43 20.37 0.53
C GLY D 48 -35.63 20.59 -0.97
N LEU D 49 -35.11 21.70 -1.50
CA LEU D 49 -34.91 21.84 -2.93
C LEU D 49 -33.82 20.86 -3.39
N ARG D 50 -34.04 20.35 -4.63
CA ARG D 50 -33.16 19.43 -5.32
C ARG D 50 -32.91 19.87 -6.76
N PHE D 51 -31.63 19.72 -7.19
CA PHE D 51 -31.17 19.92 -8.56
C PHE D 51 -32.11 19.30 -9.58
N GLY D 52 -32.28 20.02 -10.70
CA GLY D 52 -33.22 19.66 -11.73
C GLY D 52 -34.68 19.72 -11.27
N ASP D 53 -35.00 20.38 -10.14
CA ASP D 53 -36.41 20.60 -9.83
C ASP D 53 -36.93 21.77 -10.67
N GLN D 54 -38.24 21.76 -10.87
CA GLN D 54 -38.91 22.81 -11.59
C GLN D 54 -39.51 23.77 -10.57
N VAL D 55 -39.34 25.08 -10.83
CA VAL D 55 -39.96 26.14 -10.06
C VAL D 55 -41.18 26.71 -10.77
N LEU D 56 -42.39 26.39 -10.30
CA LEU D 56 -43.59 26.80 -10.99
C LEU D 56 -43.91 28.28 -10.73
N GLN D 57 -44.38 28.57 -9.50
CA GLN D 57 -44.49 29.93 -8.99
C GLN D 57 -43.19 30.25 -8.28
N ILE D 58 -43.04 31.49 -7.79
CA ILE D 58 -41.85 31.92 -7.07
C ILE D 58 -42.19 33.16 -6.22
N ASN D 59 -43.40 33.10 -5.62
CA ASN D 59 -44.12 34.14 -4.90
C ASN D 59 -45.47 34.36 -5.59
N GLY D 60 -46.15 33.26 -5.94
CA GLY D 60 -47.43 33.34 -6.63
C GLY D 60 -47.25 33.60 -8.12
N GLU D 61 -46.19 34.34 -8.46
CA GLU D 61 -45.87 34.73 -9.83
C GLU D 61 -45.26 33.53 -10.56
N ASN D 62 -46.04 32.93 -11.46
CA ASN D 62 -45.58 31.91 -12.41
C ASN D 62 -44.24 32.32 -13.05
N CYS D 63 -43.38 31.35 -13.34
CA CYS D 63 -42.06 31.62 -13.93
C CYS D 63 -42.03 31.09 -15.37
N ALA D 64 -43.20 30.70 -15.87
CA ALA D 64 -43.39 30.13 -17.19
C ALA D 64 -42.95 31.11 -18.27
N GLY D 65 -41.71 30.93 -18.76
CA GLY D 65 -41.22 31.67 -19.90
C GLY D 65 -39.99 32.50 -19.57
N TRP D 66 -39.71 32.73 -18.27
CA TRP D 66 -38.62 33.61 -17.91
C TRP D 66 -37.33 33.04 -18.48
N SER D 67 -36.49 33.94 -18.99
CA SER D 67 -35.10 33.61 -19.19
C SER D 67 -34.53 33.28 -17.82
N SER D 68 -33.22 32.98 -17.78
CA SER D 68 -32.49 32.75 -16.55
C SER D 68 -32.30 34.09 -15.82
N ASP D 69 -31.67 35.05 -16.52
CA ASP D 69 -31.47 36.40 -16.02
C ASP D 69 -32.73 36.88 -15.28
N LYS D 70 -33.87 36.84 -15.97
CA LYS D 70 -35.08 37.33 -15.32
C LYS D 70 -35.28 36.58 -14.01
N ALA D 71 -35.15 35.25 -14.04
CA ALA D 71 -35.47 34.41 -12.90
C ALA D 71 -34.50 34.65 -11.75
N HIS D 72 -33.20 34.85 -12.04
CA HIS D 72 -32.25 35.28 -11.04
C HIS D 72 -32.78 36.55 -10.37
N LYS D 73 -32.88 37.62 -11.17
CA LYS D 73 -33.11 38.94 -10.62
C LYS D 73 -34.39 38.97 -9.82
N VAL D 74 -35.46 38.31 -10.28
CA VAL D 74 -36.68 38.27 -9.50
C VAL D 74 -36.38 37.75 -8.08
N LEU D 75 -35.35 36.92 -7.91
CA LEU D 75 -34.98 36.37 -6.62
C LEU D 75 -34.04 37.32 -5.87
N LYS D 76 -33.03 37.79 -6.60
CA LYS D 76 -32.11 38.76 -6.05
C LYS D 76 -32.93 39.92 -5.43
N GLN D 77 -33.80 40.57 -6.19
CA GLN D 77 -34.50 41.76 -5.72
C GLN D 77 -35.79 41.37 -4.98
N ALA D 78 -35.66 40.61 -3.90
CA ALA D 78 -36.78 40.29 -3.03
C ALA D 78 -36.37 40.52 -1.58
N PHE D 79 -37.36 40.46 -0.68
CA PHE D 79 -37.15 40.86 0.70
C PHE D 79 -36.63 39.68 1.50
N GLY D 80 -35.65 39.95 2.39
CA GLY D 80 -34.87 38.94 3.06
C GLY D 80 -35.69 38.00 3.93
N GLU D 81 -37.02 38.20 3.94
CA GLU D 81 -37.95 37.38 4.69
C GLU D 81 -38.41 36.23 3.79
N LYS D 82 -39.73 35.99 3.74
CA LYS D 82 -40.30 34.73 3.28
C LYS D 82 -40.55 34.73 1.77
N ILE D 83 -40.07 33.65 1.11
CA ILE D 83 -40.29 33.37 -0.30
C ILE D 83 -41.02 32.04 -0.45
N THR D 84 -42.21 32.04 -1.05
CA THR D 84 -42.86 30.80 -1.42
C THR D 84 -42.45 30.45 -2.86
N MET D 85 -42.00 29.20 -3.02
CA MET D 85 -41.74 28.59 -4.32
C MET D 85 -42.60 27.34 -4.42
N THR D 86 -43.68 27.41 -5.19
CA THR D 86 -44.43 26.23 -5.58
C THR D 86 -43.53 25.41 -6.50
N ILE D 87 -43.42 24.08 -6.30
CA ILE D 87 -42.40 23.24 -6.95
C ILE D 87 -42.95 21.89 -7.45
N ARG D 88 -42.53 21.52 -8.68
CA ARG D 88 -42.73 20.20 -9.24
C ARG D 88 -41.46 19.39 -8.97
N ASP D 89 -41.68 18.14 -8.50
CA ASP D 89 -40.63 17.26 -8.04
C ASP D 89 -39.91 16.58 -9.21
N ARG D 90 -38.64 16.97 -9.37
CA ARG D 90 -37.69 16.36 -10.27
C ARG D 90 -38.37 15.73 -11.49
N PRO D 91 -38.77 16.56 -12.47
CA PRO D 91 -39.57 16.10 -13.60
C PRO D 91 -38.81 15.43 -14.74
N PHE D 92 -37.54 15.79 -14.94
CA PHE D 92 -36.70 15.28 -16.01
C PHE D 92 -35.81 14.09 -15.61
N GLU D 93 -36.02 13.51 -14.40
CA GLU D 93 -35.22 12.42 -13.86
C GLU D 93 -36.12 11.28 -13.41
N ARG D 94 -35.53 10.08 -13.27
CA ARG D 94 -36.25 8.89 -12.83
C ARG D 94 -35.38 8.07 -11.87
N THR D 95 -35.99 7.20 -11.05
CA THR D 95 -35.19 6.43 -10.11
C THR D 95 -35.33 4.93 -10.36
N ILE D 96 -34.19 4.21 -10.36
CA ILE D 96 -34.15 2.79 -10.65
C ILE D 96 -33.66 2.01 -9.42
N THR D 97 -34.54 1.21 -8.81
CA THR D 97 -34.21 0.33 -7.69
C THR D 97 -33.56 -0.98 -8.19
N MET D 98 -32.26 -1.16 -7.91
CA MET D 98 -31.50 -2.38 -8.17
C MET D 98 -31.21 -3.15 -6.86
N HIS D 99 -30.77 -4.41 -6.99
CA HIS D 99 -30.18 -5.16 -5.87
C HIS D 99 -28.77 -5.61 -6.25
N LYS D 100 -27.86 -5.61 -5.28
CA LYS D 100 -26.46 -5.86 -5.57
C LYS D 100 -26.24 -7.37 -5.70
N ASP D 101 -25.24 -7.78 -6.49
CA ASP D 101 -25.01 -9.21 -6.66
C ASP D 101 -24.06 -9.67 -5.56
N SER D 102 -23.45 -10.85 -5.74
CA SER D 102 -22.58 -11.46 -4.73
C SER D 102 -21.27 -10.68 -4.62
N THR D 103 -20.91 -9.99 -5.73
CA THR D 103 -19.68 -9.23 -5.85
C THR D 103 -19.94 -7.72 -5.75
N GLY D 104 -20.93 -7.31 -4.94
CA GLY D 104 -21.21 -5.90 -4.64
C GLY D 104 -21.79 -5.07 -5.79
N HIS D 105 -22.16 -5.72 -6.92
CA HIS D 105 -22.39 -5.08 -8.20
C HIS D 105 -23.87 -5.07 -8.59
N VAL D 106 -24.16 -4.27 -9.63
CA VAL D 106 -25.49 -4.17 -10.21
C VAL D 106 -25.42 -4.12 -11.74
N GLY D 107 -24.24 -3.89 -12.32
CA GLY D 107 -23.92 -4.39 -13.64
C GLY D 107 -24.14 -3.38 -14.78
N PHE D 108 -23.18 -2.47 -14.96
CA PHE D 108 -23.19 -1.53 -16.08
C PHE D 108 -21.89 -0.72 -16.11
N ILE D 109 -21.52 -0.21 -17.29
CA ILE D 109 -20.25 0.49 -17.49
C ILE D 109 -20.48 1.97 -17.77
N PHE D 110 -20.22 2.80 -16.74
CA PHE D 110 -20.57 4.21 -16.72
C PHE D 110 -19.34 5.11 -16.83
N LYS D 111 -19.37 6.02 -17.81
CA LYS D 111 -18.31 7.00 -18.07
C LYS D 111 -18.83 8.44 -18.09
N ASN D 112 -18.11 9.35 -17.38
CA ASN D 112 -18.43 10.77 -17.28
C ASN D 112 -19.81 10.92 -16.67
N GLY D 113 -20.14 10.01 -15.74
CA GLY D 113 -21.49 9.89 -15.18
C GLY D 113 -22.60 9.71 -16.21
N LYS D 114 -22.24 9.40 -17.47
CA LYS D 114 -23.17 8.90 -18.46
C LYS D 114 -23.10 7.38 -18.50
N ILE D 115 -24.25 6.68 -18.45
CA ILE D 115 -24.30 5.22 -18.56
C ILE D 115 -24.15 4.84 -20.03
N THR D 116 -23.32 3.82 -20.31
CA THR D 116 -22.82 3.58 -21.65
C THR D 116 -22.92 2.12 -22.14
N SER D 117 -22.97 1.12 -21.24
CA SER D 117 -23.39 -0.21 -21.65
C SER D 117 -23.99 -0.94 -20.46
N ILE D 118 -24.99 -1.79 -20.74
CA ILE D 118 -25.64 -2.61 -19.71
C ILE D 118 -25.10 -4.03 -19.85
N VAL D 119 -25.10 -4.73 -18.71
CA VAL D 119 -24.56 -6.07 -18.54
C VAL D 119 -25.69 -7.08 -18.60
N LYS D 120 -25.55 -8.10 -19.47
CA LYS D 120 -26.44 -9.24 -19.60
C LYS D 120 -26.81 -9.84 -18.23
N ASP D 121 -28.11 -10.07 -18.03
CA ASP D 121 -28.60 -10.80 -16.86
C ASP D 121 -28.04 -10.19 -15.57
N SER D 122 -27.76 -8.88 -15.59
CA SER D 122 -27.44 -8.13 -14.38
C SER D 122 -28.70 -7.58 -13.73
N SER D 123 -28.52 -6.98 -12.55
CA SER D 123 -29.62 -6.25 -11.93
C SER D 123 -29.97 -4.99 -12.73
N ALA D 124 -28.98 -4.35 -13.36
CA ALA D 124 -29.24 -3.24 -14.26
C ALA D 124 -30.17 -3.69 -15.38
N ALA D 125 -29.74 -4.68 -16.17
CA ALA D 125 -30.54 -5.27 -17.25
C ALA D 125 -31.95 -5.53 -16.77
N ARG D 126 -32.08 -6.33 -15.70
CA ARG D 126 -33.36 -6.79 -15.20
C ARG D 126 -34.32 -5.62 -14.93
N ASN D 127 -33.81 -4.49 -14.41
CA ASN D 127 -34.67 -3.43 -13.91
C ASN D 127 -34.79 -2.30 -14.94
N GLY D 128 -33.96 -2.33 -15.99
CA GLY D 128 -34.27 -1.64 -17.22
C GLY D 128 -33.55 -0.31 -17.34
N LEU D 129 -32.32 -0.30 -16.84
CA LEU D 129 -31.47 0.86 -16.91
C LEU D 129 -31.14 1.11 -18.38
N LEU D 130 -31.04 2.40 -18.75
CA LEU D 130 -30.82 2.81 -20.12
C LEU D 130 -29.42 3.37 -20.27
N THR D 131 -28.91 3.36 -21.51
CA THR D 131 -27.72 4.13 -21.84
C THR D 131 -28.13 5.52 -22.31
N GLU D 132 -27.14 6.33 -22.66
CA GLU D 132 -27.29 7.75 -22.87
C GLU D 132 -28.18 8.36 -21.78
N HIS D 133 -27.85 8.11 -20.50
CA HIS D 133 -28.56 8.73 -19.37
C HIS D 133 -27.61 8.99 -18.19
N ASN D 134 -27.54 10.25 -17.72
CA ASN D 134 -26.61 10.63 -16.66
C ASN D 134 -27.22 10.32 -15.29
N ILE D 135 -26.30 10.09 -14.32
CA ILE D 135 -26.65 9.78 -12.94
C ILE D 135 -26.75 11.06 -12.14
N CYS D 136 -27.84 11.14 -11.36
CA CYS D 136 -28.21 12.37 -10.67
C CYS D 136 -28.18 12.14 -9.14
N GLU D 137 -28.63 10.97 -8.66
CA GLU D 137 -28.71 10.76 -7.21
C GLU D 137 -28.55 9.28 -6.86
N ILE D 138 -27.93 9.01 -5.71
CA ILE D 138 -27.76 7.66 -5.22
C ILE D 138 -28.44 7.57 -3.87
N ASN D 139 -29.57 6.83 -3.82
CA ASN D 139 -30.38 6.66 -2.62
C ASN D 139 -30.78 8.01 -2.05
N GLY D 140 -31.26 8.90 -2.94
CA GLY D 140 -31.61 10.28 -2.58
C GLY D 140 -30.42 11.27 -2.64
N GLN D 141 -29.17 10.78 -2.78
CA GLN D 141 -27.98 11.61 -2.58
C GLN D 141 -27.46 12.16 -3.91
N ASN D 142 -27.52 13.48 -4.09
CA ASN D 142 -26.91 14.18 -5.23
C ASN D 142 -25.46 13.75 -5.38
N VAL D 143 -25.07 13.49 -6.62
CA VAL D 143 -23.72 13.07 -6.94
C VAL D 143 -23.22 13.75 -8.22
N ILE D 144 -23.97 14.76 -8.67
CA ILE D 144 -23.71 15.46 -9.91
C ILE D 144 -22.49 16.38 -9.73
N GLY D 145 -21.45 16.16 -10.56
CA GLY D 145 -20.24 16.96 -10.51
C GLY D 145 -19.01 16.13 -10.12
N LEU D 146 -19.24 15.16 -9.20
CA LEU D 146 -18.20 14.31 -8.64
C LEU D 146 -17.52 13.49 -9.75
N LYS D 147 -16.56 12.64 -9.34
CA LYS D 147 -15.86 11.78 -10.28
C LYS D 147 -16.40 10.35 -10.18
N ASP D 148 -16.34 9.63 -11.30
CA ASP D 148 -16.86 8.27 -11.40
C ASP D 148 -16.44 7.45 -10.18
N SER D 149 -15.29 7.84 -9.63
CA SER D 149 -14.62 7.09 -8.61
C SER D 149 -15.38 7.23 -7.30
N GLN D 150 -15.80 8.47 -7.02
CA GLN D 150 -16.60 8.80 -5.86
C GLN D 150 -17.95 8.10 -6.00
N ILE D 151 -18.43 8.04 -7.24
CA ILE D 151 -19.71 7.42 -7.53
C ILE D 151 -19.54 5.91 -7.38
N ALA D 152 -18.48 5.31 -7.96
CA ALA D 152 -18.14 3.94 -7.61
C ALA D 152 -18.35 3.77 -6.10
N ASP D 153 -17.83 4.73 -5.31
CA ASP D 153 -17.73 4.56 -3.86
C ASP D 153 -19.09 4.71 -3.16
N ILE D 154 -19.92 5.68 -3.61
CA ILE D 154 -21.24 5.90 -3.02
C ILE D 154 -22.15 4.68 -3.28
N LEU D 155 -21.95 3.98 -4.43
CA LEU D 155 -22.66 2.74 -4.73
C LEU D 155 -22.20 1.61 -3.80
N SER D 156 -20.87 1.54 -3.59
CA SER D 156 -20.29 0.46 -2.80
C SER D 156 -21.00 0.49 -1.44
N THR D 157 -20.96 1.69 -0.83
CA THR D 157 -21.42 1.91 0.53
C THR D 157 -22.94 1.94 0.65
N SER D 158 -23.65 1.73 -0.46
CA SER D 158 -25.08 1.49 -0.40
C SER D 158 -25.33 0.20 0.34
N GLY D 159 -26.50 0.09 1.00
CA GLY D 159 -27.13 -1.19 1.28
C GLY D 159 -27.28 -2.07 0.03
N THR D 160 -27.50 -3.38 0.23
CA THR D 160 -27.90 -4.30 -0.83
C THR D 160 -28.78 -3.58 -1.87
N VAL D 161 -29.78 -2.85 -1.37
CA VAL D 161 -30.73 -2.12 -2.17
C VAL D 161 -30.09 -0.79 -2.56
N VAL D 162 -29.77 -0.64 -3.88
CA VAL D 162 -29.21 0.58 -4.50
C VAL D 162 -30.24 1.24 -5.44
N THR D 163 -30.87 2.33 -4.99
CA THR D 163 -31.76 3.09 -5.84
C THR D 163 -30.92 4.19 -6.47
N ILE D 164 -31.00 4.38 -7.81
CA ILE D 164 -30.35 5.55 -8.39
C ILE D 164 -31.27 6.27 -9.38
N THR D 165 -30.83 7.49 -9.70
CA THR D 165 -31.69 8.52 -10.27
C THR D 165 -31.02 9.02 -11.54
N ILE D 166 -31.80 9.02 -12.63
CA ILE D 166 -31.23 9.24 -13.95
C ILE D 166 -32.00 10.31 -14.72
N MET D 167 -31.23 10.90 -15.65
CA MET D 167 -31.67 11.95 -16.54
C MET D 167 -31.14 11.62 -17.95
N PRO D 168 -31.96 11.63 -19.01
CA PRO D 168 -31.45 11.53 -20.38
C PRO D 168 -30.29 12.46 -20.74
N ALA D 169 -29.33 11.97 -21.52
CA ALA D 169 -28.10 12.71 -21.78
C ALA D 169 -28.38 14.11 -22.33
N PHE D 170 -29.06 14.18 -23.48
N PHE D 170 -29.09 14.17 -23.45
CA PHE D 170 -29.33 15.41 -24.21
CA PHE D 170 -29.26 15.42 -24.18
C PHE D 170 -29.87 16.49 -23.27
C PHE D 170 -29.89 16.49 -23.30
N ILE D 171 -30.73 16.10 -22.33
CA ILE D 171 -31.36 17.06 -21.44
C ILE D 171 -30.41 17.47 -20.33
N PHE D 172 -29.67 16.51 -19.79
CA PHE D 172 -28.68 16.80 -18.77
C PHE D 172 -27.72 17.84 -19.33
N GLU D 173 -27.23 17.58 -20.55
CA GLU D 173 -26.28 18.44 -21.22
C GLU D 173 -26.87 19.82 -21.47
N HIS D 174 -28.18 19.89 -21.69
CA HIS D 174 -28.85 21.18 -21.82
C HIS D 174 -28.85 21.89 -20.46
N ILE D 175 -29.18 21.16 -19.38
CA ILE D 175 -29.41 21.74 -18.06
C ILE D 175 -28.11 22.27 -17.46
N ILE D 176 -26.97 21.68 -17.82
CA ILE D 176 -25.75 22.09 -17.17
C ILE D 176 -25.05 23.19 -17.99
N LYS D 177 -25.57 23.54 -19.17
CA LYS D 177 -24.90 24.56 -19.98
C LYS D 177 -24.90 25.90 -19.24
N ARG D 178 -23.83 26.68 -19.42
CA ARG D 178 -23.66 27.94 -18.71
C ARG D 178 -23.60 27.68 -17.20
N MET D 179 -22.65 26.83 -16.77
CA MET D 179 -22.29 26.65 -15.38
C MET D 179 -20.87 26.11 -15.36
N ALA D 180 -20.03 26.69 -14.48
CA ALA D 180 -18.58 26.56 -14.56
C ALA D 180 -18.11 25.28 -13.91
N PRO D 181 -17.51 24.34 -14.69
CA PRO D 181 -17.06 23.07 -14.14
C PRO D 181 -16.82 23.15 -12.62
N SER D 182 -16.14 24.25 -12.25
CA SER D 182 -15.56 24.53 -10.94
C SER D 182 -16.63 24.71 -9.88
N ILE D 183 -17.80 25.18 -10.28
CA ILE D 183 -18.84 25.56 -9.33
C ILE D 183 -19.66 24.33 -8.95
N MET D 184 -20.08 23.56 -9.98
CA MET D 184 -20.73 22.27 -9.81
C MET D 184 -20.06 21.51 -8.67
N LYS D 185 -18.74 21.39 -8.77
CA LYS D 185 -17.89 20.66 -7.81
C LYS D 185 -17.95 21.31 -6.43
N SER D 186 -17.77 22.64 -6.36
CA SER D 186 -17.58 23.34 -5.10
C SER D 186 -18.89 23.62 -4.35
N LEU D 187 -19.97 23.98 -5.07
CA LEU D 187 -21.14 24.52 -4.40
C LEU D 187 -22.21 23.45 -4.21
N MET D 188 -22.12 22.34 -4.98
CA MET D 188 -23.24 21.41 -5.14
C MET D 188 -23.39 20.51 -3.90
N ASP D 189 -24.59 20.60 -3.30
CA ASP D 189 -25.04 19.83 -2.14
C ASP D 189 -25.01 18.34 -2.43
N HIS D 190 -24.17 17.61 -1.68
CA HIS D 190 -24.07 16.16 -1.75
C HIS D 190 -24.33 15.60 -0.37
N THR D 191 -24.95 16.39 0.52
CA THR D 191 -25.20 15.97 1.90
C THR D 191 -26.29 14.92 1.98
N ILE D 192 -26.21 14.06 2.98
CA ILE D 192 -27.29 13.11 3.25
C ILE D 192 -27.79 13.36 4.67
N PRO D 193 -28.97 12.78 5.01
CA PRO D 193 -29.59 13.04 6.31
C PRO D 193 -28.77 12.37 7.42
N GLU D 194 -28.26 11.15 7.18
CA GLU D 194 -27.56 10.39 8.22
C GLU D 194 -26.68 9.32 7.56
N VAL D 195 -25.86 8.66 8.37
CA VAL D 195 -24.96 7.63 7.90
C VAL D 195 -25.11 6.39 8.82
C10 YDG E . 11.08 6.67 18.07
C01 YDG E . 8.31 3.12 13.77
N02 YDG E . 9.11 4.31 13.53
C03 YDG E . 9.32 4.78 12.17
C04 YDG E . 9.68 4.97 14.67
O05 YDG E . 9.46 4.51 15.75
C06 YDG E . 10.55 6.21 14.55
N07 YDG E . 10.83 6.67 15.89
C08 YDG E . 11.11 7.90 16.21
C09 YDG E . 11.29 7.93 17.57
N11 YDG E . 10.80 5.87 17.04
C1 EDO F . 4.74 -8.68 -5.21
O1 EDO F . 3.99 -7.96 -4.23
C2 EDO F . 6.11 -9.03 -4.74
O2 EDO F . 6.12 -9.44 -3.39
C1 EDO G . 33.86 28.05 12.03
O1 EDO G . 32.69 27.50 12.59
C2 EDO G . 35.03 27.93 12.94
O2 EDO G . 35.49 26.59 12.99
C1 EDO H . 11.89 22.73 14.61
O1 EDO H . 11.03 23.82 14.27
C2 EDO H . 11.90 22.32 16.05
O2 EDO H . 12.81 23.04 16.87
N DGL I . 36.19 18.03 5.94
CA DGL I . 34.90 18.66 5.55
C DGL I . 33.75 17.85 6.18
O DGL I . 33.97 16.64 6.43
CB DGL I . 34.88 20.13 5.99
CG DGL I . 35.02 20.33 7.49
CD DGL I . 35.58 21.66 7.95
OE1 DGL I . 36.02 21.74 9.12
OE2 DGL I . 35.56 22.63 7.15
OXT DGL I . 32.67 18.46 6.41
C1 EDO J . -9.13 -30.21 -9.66
O1 EDO J . -9.29 -29.36 -8.53
C2 EDO J . -10.12 -29.90 -10.73
O2 EDO J . -11.08 -28.95 -10.28
C1 EDO K . 7.34 -15.07 -12.72
O1 EDO K . 7.01 -16.41 -13.00
C2 EDO K . 8.79 -14.88 -12.42
O2 EDO K . 9.65 -15.73 -13.16
C1 EDO L . 5.52 -18.50 -3.54
O1 EDO L . 4.37 -18.71 -2.73
C2 EDO L . 6.03 -19.69 -4.26
O2 EDO L . 7.41 -19.99 -4.04
N GLY M . 9.79 -18.53 -23.71
CA GLY M . 10.19 -19.96 -23.57
C GLY M . 9.05 -20.89 -23.94
O GLY M . 9.33 -21.84 -24.69
OXT GLY M . 7.92 -20.64 -23.46
C1 EDO N . -29.82 16.31 -1.27
O1 EDO N . -30.41 15.24 -1.97
C2 EDO N . -28.40 16.48 -1.67
O2 EDO N . -27.81 15.24 -2.05
C1 EDO O . -33.94 20.14 -25.43
O1 EDO O . -34.82 21.17 -25.02
C2 EDO O . -33.19 19.58 -24.30
O2 EDO O . -34.01 19.43 -23.16
S SO4 P . -33.10 -7.79 -8.80
O1 SO4 P . -33.54 -8.71 -9.81
O2 SO4 P . -31.84 -7.23 -9.18
O3 SO4 P . -34.08 -6.73 -8.65
O4 SO4 P . -32.96 -8.50 -7.55
S SO4 Q . -14.14 10.63 -14.17
O1 SO4 Q . -13.86 9.29 -13.71
O2 SO4 Q . -13.14 11.05 -15.10
O3 SO4 Q . -15.42 10.66 -14.82
O4 SO4 Q . -14.17 11.53 -13.04
N ALA R . -19.36 -2.44 -13.10
CA ALA R . -19.72 -1.58 -11.94
C ALA R . -21.10 -1.97 -11.39
O ALA R . -21.78 -2.79 -12.05
CB ALA R . -19.64 -0.13 -12.33
OXT ALA R . -21.46 -1.45 -10.30
N DGL S . -31.21 31.86 -23.49
CA DGL S . -30.52 30.92 -22.57
C DGL S . -31.15 30.99 -21.17
O DGL S . -30.69 30.19 -20.31
CB DGL S . -30.56 29.50 -23.12
CG DGL S . -31.96 29.04 -23.50
CD DGL S . -32.09 27.53 -23.69
OE1 DGL S . -31.10 26.89 -24.11
OE2 DGL S . -33.19 27.01 -23.39
OXT DGL S . -32.08 31.82 -20.99
N GLY T . -37.59 30.78 -23.63
CA GLY T . -36.75 31.19 -22.49
C GLY T . -36.25 32.61 -22.64
O GLY T . -35.12 32.76 -23.16
OXT GLY T . -36.99 33.54 -22.22
#